data_8FXB
#
_entry.id   8FXB
#
loop_
_entity.id
_entity.type
_entity.pdbx_description
1 polymer 'S309 Light chain'
2 polymer 'S309 Heavy chain'
3 polymer 'Processed angiotensin-converting enzyme 2'
4 polymer 'Spike protein S1'
5 branched alpha-L-fucopyranose-(1-6)-2-acetamido-2-deoxy-beta-D-glucopyranose
6 non-polymer 2-acetamido-2-deoxy-beta-D-glucopyranose
#
loop_
_entity_poly.entity_id
_entity_poly.type
_entity_poly.pdbx_seq_one_letter_code
_entity_poly.pdbx_strand_id
1 'polypeptide(L)'
;EIVLTQSPGTLSLSPGERATLSCRASQTVSSTSLAWYQQKPGQAPRLLIYGASSRATGIPDRFSGSGSGTDFTLTISRLE
PEDFAVYYCQQHDTSLTFGGGTKVEIKRTVAAPSVFIFPPSDEQLKSGTASVVCLLNNFYPREAKVQWKVDNALQSGNSQ
ESVTEQDSKDSTYSLSSTLTLSKADYEKHKVYACEVTHQGLSSPVTKSFNRGEC
;
L
2 'polypeptide(L)'
;QVQLVQSGAEVKKPGASVKVSCKASGYPFTSYGISWVRQAPGQGLEWMGWISTYNGNTNYAQKFQGRVTMTTDTSTTTGY
MELRRLRSDDTAVYYCARDYTRGAWFGESLIGGFDNWGQGTLVTVSSASTKGPSVFPLAPSSKSTSGGTAALGCLVKDYF
PEPVTVSWNSGALTSGVHTFPAVLQSSGLYSLSSVVTVPSSSLGTQTYICNVNHKPSNTKVDKKVEPKSCDKTHTCPPCP
APELLAGPSVFLFPPKPKDTLMISRTPEVTCVVVDVSHEDPEVKFNWYVDGVEVHNAKTKPREEQYNSTYRVVSVLTVLH
QDWLNGKEYKCKVSNKALPLPEEKTISKAKGQPREPQVYTLPPSRDELTKNQVSLTCLVKGFYPSDIAVEWESNGQPENN
YKTTPPVLDSDGSFFLYSKLTVDKSRWQQGNVFSCSVLHEALHSHYTQKSLSLSPGK
;
H
3 'polypeptide(L)'
;STIEEQAKTFLDKFNHEAEDLFYQSSLASWNYNTNITEENVQNMNNAGDKWSAFLKEQSTLAQMYPLQEIQNLTVKLQLQ
ALQQNGSSVLSEDKSKRLNTILNTMSTIYSTGKVCNPDNPQECLLLEPGLNEIMANSLDYNERLWAWESWRSEVGKQLRP
LYEEYVVLKNEMARANHYEDYGDYWRGDYEVNGVDGYDYSRGQLIEDVEHTFEEIKPLYEHLHAYVRAKLMNAYPSYISP
IGCLPAHLLGDMWGRFWTNLYSLTVPFGQKPNIDVTDAMVDQAWDAQRIFKEAEKFFVSVGLPNMTQGFWENSMLTDPGN
VQKAVCHPTAWDLGKGDFRILMCTKVTMDDFLTAHHEMGHIQYDMAYAAQPFLLRNGANEGFHEAVGEIMSLSAATPKHL
KSIGLLSPDFQEDNETEINFLLKQALTIVGTLPFTYMLEKWRWMVFKGEIPKDQWMKKWWEMKREIVGVVEPVPHDETYC
DPASLFHVSNDYSFIRYYTRTLYQFQFQEALCQAAKHEGPLHKCDISNSTEAGQKLFNMLRLGKSEPWTLALENVVGAKN
MNVRPLLNYFEPLFTWLKDQNKNSFVGWSTDWSPYADLVPRGSSAWSHPQFEKGGGSGGGSGGSAWSHPQFEKGSHHHHH
HHHHHGGG
;
A
4 'polypeptide(L)'
;MARAWIFFLLCLAGRALARFPNITNLCPFHEVFNATTFASVYAWNRKRISNCVADYSVIYNFAPFFAFKCYGVSPTKLND
LCFTNVYADSFVIRGNEVSQIAPGQTGNIADYNYKLPDDFTGCVIAWNSNKLDSKPSGNYNYLYRLFRKSKLKPFERDIS
TEIYQAGNKPCNGVAGSNCYSPLQSYGFRPTYGVGHQPYRVVVLSFELLHAPATVCGPKKSTGGLNDIFEAQKIEWHEGS
GHHHHHHHH
;
E
#
# COMPACT_ATOMS: atom_id res chain seq x y z
N ILE A 2 -2.98 38.58 1.55
CA ILE A 2 -2.69 37.52 0.58
C ILE A 2 -2.48 38.10 -0.83
N VAL A 3 -1.54 37.52 -1.57
CA VAL A 3 -1.19 37.92 -2.93
C VAL A 3 -1.11 36.72 -3.88
N LEU A 4 -1.64 36.90 -5.09
CA LEU A 4 -1.51 35.92 -6.15
C LEU A 4 -0.63 36.46 -7.27
N THR A 5 0.31 35.65 -7.74
CA THR A 5 1.22 36.05 -8.80
C THR A 5 1.14 35.10 -9.99
N GLN A 6 1.00 35.66 -11.19
CA GLN A 6 0.92 34.83 -12.39
C GLN A 6 2.12 35.05 -13.29
N SER A 7 2.45 34.02 -14.07
CA SER A 7 3.58 34.08 -14.98
C SER A 7 3.47 33.01 -16.08
N PRO A 8 4.02 33.30 -17.27
CA PRO A 8 4.61 34.54 -17.75
C PRO A 8 3.57 35.63 -17.93
N GLY A 9 3.99 36.89 -17.80
CA GLY A 9 3.11 38.02 -18.00
C GLY A 9 2.55 38.08 -19.42
N THR A 10 3.36 37.68 -20.40
CA THR A 10 2.96 37.73 -21.80
C THR A 10 3.24 36.42 -22.52
N LEU A 11 2.31 35.48 -22.41
CA LEU A 11 2.46 34.17 -23.03
C LEU A 11 1.89 34.16 -24.45
N SER A 12 2.52 34.92 -25.33
CA SER A 12 2.04 35.02 -26.71
C SER A 12 2.59 33.90 -27.57
N LEU A 13 1.73 32.95 -27.89
CA LEU A 13 2.12 31.75 -28.64
C LEU A 13 1.31 31.60 -29.91
N SER A 14 1.86 30.88 -30.88
CA SER A 14 1.19 30.61 -32.14
C SER A 14 -0.06 29.76 -31.92
N PRO A 15 -1.10 29.93 -32.74
CA PRO A 15 -2.33 29.17 -32.72
C PRO A 15 -2.07 27.72 -33.09
N GLY A 16 -2.76 26.81 -32.43
CA GLY A 16 -2.64 25.38 -32.68
C GLY A 16 -1.65 24.74 -31.71
N GLU A 17 -0.90 25.55 -30.99
CA GLU A 17 0.09 25.05 -30.05
C GLU A 17 -0.48 24.96 -28.64
N ARG A 18 0.17 24.14 -27.81
CA ARG A 18 -0.19 24.00 -26.40
C ARG A 18 0.29 25.21 -25.61
N ALA A 19 -0.54 25.69 -24.68
CA ALA A 19 -0.18 26.85 -23.88
C ALA A 19 -0.48 26.61 -22.40
N THR A 20 0.45 27.00 -21.52
CA THR A 20 0.22 26.89 -20.09
C THR A 20 0.53 28.16 -19.33
N LEU A 21 -0.26 28.42 -18.30
CA LEU A 21 -0.07 29.53 -17.38
C LEU A 21 0.01 29.05 -15.94
N SER A 22 0.85 29.69 -15.14
CA SER A 22 0.96 29.34 -13.73
C SER A 22 0.48 30.46 -12.81
N CYS A 23 -0.03 30.07 -11.64
CA CYS A 23 -0.44 30.99 -10.57
C CYS A 23 0.09 30.50 -9.24
N ARG A 24 0.80 31.37 -8.53
CA ARG A 24 1.38 31.01 -7.25
C ARG A 24 0.81 31.86 -6.12
N ALA A 25 0.62 31.24 -4.98
CA ALA A 25 0.07 31.95 -3.83
C ALA A 25 1.14 32.19 -2.78
N SER A 26 1.03 33.30 -2.07
CA SER A 26 1.93 33.63 -0.97
C SER A 26 1.70 32.73 0.25
N GLN A 27 0.53 32.11 0.30
CA GLN A 27 0.17 31.20 1.38
C GLN A 27 -0.71 30.09 0.85
N THR A 28 -0.77 28.99 1.57
CA THR A 28 -1.59 27.85 1.16
C THR A 28 -3.07 28.21 1.10
N VAL A 29 -3.72 27.80 0.02
CA VAL A 29 -5.16 28.00 -0.13
C VAL A 29 -5.84 26.68 -0.44
N SER A 30 -7.10 26.56 -0.03
CA SER A 30 -7.87 25.36 -0.32
C SER A 30 -8.25 25.31 -1.79
N SER A 31 -8.26 24.11 -2.36
CA SER A 31 -8.60 23.93 -3.77
C SER A 31 -10.07 24.25 -4.03
N THR A 32 -10.83 24.31 -2.95
CA THR A 32 -12.26 24.57 -2.99
C THR A 32 -12.57 26.04 -3.25
N SER A 33 -11.57 26.91 -3.14
CA SER A 33 -11.80 28.34 -3.26
C SER A 33 -10.95 29.00 -4.35
N LEU A 34 -10.62 28.25 -5.39
CA LEU A 34 -9.82 28.82 -6.48
C LEU A 34 -10.51 28.71 -7.83
N ALA A 35 -10.34 29.75 -8.65
CA ALA A 35 -11.00 29.83 -9.96
C ALA A 35 -10.14 30.57 -10.98
N TRP A 36 -10.45 30.37 -12.26
CA TRP A 36 -9.79 31.07 -13.36
C TRP A 36 -10.77 31.85 -14.20
N TYR A 37 -10.33 33.01 -14.69
CA TYR A 37 -11.15 33.86 -15.55
C TYR A 37 -10.47 34.17 -16.88
N GLN A 38 -11.27 34.45 -17.89
CA GLN A 38 -10.79 34.84 -19.21
C GLN A 38 -11.48 36.12 -19.70
N GLN A 39 -10.69 37.14 -20.01
CA GLN A 39 -11.24 38.42 -20.46
C GLN A 39 -10.81 38.78 -21.87
N LYS A 40 -11.79 38.82 -22.77
CA LYS A 40 -11.51 39.23 -24.14
C LYS A 40 -11.40 40.75 -24.17
N PRO A 41 -10.65 41.33 -25.11
CA PRO A 41 -10.50 42.75 -25.31
C PRO A 41 -11.84 43.46 -25.44
N GLY A 42 -12.07 44.45 -24.59
CA GLY A 42 -13.28 45.26 -24.65
C GLY A 42 -14.47 44.55 -24.01
N GLN A 43 -14.25 43.36 -23.49
CA GLN A 43 -15.33 42.56 -22.92
C GLN A 43 -15.23 42.38 -21.41
N ALA A 44 -16.38 42.12 -20.78
CA ALA A 44 -16.41 41.71 -19.39
C ALA A 44 -15.80 40.30 -19.33
N PRO A 45 -15.10 39.96 -18.24
CA PRO A 45 -14.49 38.68 -17.99
C PRO A 45 -15.54 37.60 -17.76
N ARG A 46 -15.18 36.35 -18.04
CA ARG A 46 -16.07 35.24 -17.77
C ARG A 46 -15.37 34.16 -16.95
N LEU A 47 -16.15 33.43 -16.16
CA LEU A 47 -15.62 32.32 -15.38
C LEU A 47 -15.25 31.17 -16.29
N LEU A 48 -14.02 30.70 -16.17
CA LEU A 48 -13.53 29.62 -17.00
C LEU A 48 -13.57 28.31 -16.22
N ILE A 49 -12.99 28.34 -15.02
CA ILE A 49 -12.88 27.17 -14.16
C ILE A 49 -13.18 27.52 -12.72
N TYR A 50 -13.90 26.64 -12.02
CA TYR A 50 -14.15 26.82 -10.60
C TYR A 50 -13.83 25.56 -9.83
N GLY A 51 -13.54 25.70 -8.55
CA GLY A 51 -13.22 24.53 -7.74
C GLY A 51 -11.89 23.94 -8.16
N ALA A 52 -10.99 24.81 -8.63
CA ALA A 52 -9.65 24.46 -9.12
C ALA A 52 -9.68 23.75 -10.48
N SER A 53 -10.51 22.71 -10.64
CA SER A 53 -10.45 21.89 -11.83
C SER A 53 -11.78 21.62 -12.55
N SER A 54 -12.88 22.19 -12.08
CA SER A 54 -14.16 21.95 -12.72
C SER A 54 -14.47 23.01 -13.76
N ARG A 55 -14.72 22.60 -14.99
CA ARG A 55 -15.02 23.57 -16.04
C ARG A 55 -16.36 24.23 -15.81
N ALA A 56 -16.41 25.54 -16.02
CA ALA A 56 -17.66 26.27 -15.94
C ALA A 56 -18.57 25.84 -17.07
N THR A 57 -19.87 25.84 -16.84
CA THR A 57 -20.81 25.42 -17.86
C THR A 57 -20.67 26.26 -19.12
N GLY A 58 -20.56 25.58 -20.26
CA GLY A 58 -20.43 26.25 -21.55
C GLY A 58 -18.98 26.36 -22.02
N ILE A 59 -18.04 26.03 -21.13
CA ILE A 59 -16.62 26.13 -21.46
C ILE A 59 -16.10 24.85 -22.14
N PRO A 60 -15.44 24.99 -23.30
CA PRO A 60 -14.83 23.93 -24.10
C PRO A 60 -13.89 23.06 -23.30
N ASP A 61 -13.78 21.80 -23.68
CA ASP A 61 -13.01 20.81 -22.95
C ASP A 61 -11.52 20.89 -23.23
N ARG A 62 -11.10 21.89 -24.01
CA ARG A 62 -9.68 22.12 -24.26
C ARG A 62 -9.05 22.88 -23.09
N PHE A 63 -9.90 23.38 -22.19
CA PHE A 63 -9.42 24.11 -21.01
C PHE A 63 -9.40 23.20 -19.79
N SER A 64 -8.22 22.96 -19.22
CA SER A 64 -8.10 22.07 -18.08
C SER A 64 -7.27 22.66 -16.96
N GLY A 65 -7.90 22.86 -15.80
CA GLY A 65 -7.22 23.42 -14.64
C GLY A 65 -6.89 22.33 -13.63
N SER A 66 -5.85 22.56 -12.85
CA SER A 66 -5.45 21.64 -11.78
C SER A 66 -4.50 22.32 -10.82
N GLY A 67 -4.24 21.67 -9.69
CA GLY A 67 -3.24 22.20 -8.75
C GLY A 67 -3.67 22.04 -7.30
N SER A 68 -2.77 22.45 -6.40
CA SER A 68 -3.01 22.34 -4.97
C SER A 68 -2.02 23.21 -4.20
N GLY A 69 -2.27 23.40 -2.91
CA GLY A 69 -1.32 24.12 -2.08
C GLY A 69 -1.16 25.56 -2.54
N THR A 70 0.04 25.89 -2.97
CA THR A 70 0.38 27.23 -3.44
C THR A 70 0.78 27.25 -4.90
N ASP A 71 0.49 26.17 -5.62
CA ASP A 71 0.88 26.06 -7.02
C ASP A 71 -0.25 25.52 -7.90
N PHE A 72 -0.86 26.40 -8.68
CA PHE A 72 -1.97 26.05 -9.56
C PHE A 72 -1.67 26.41 -11.00
N THR A 73 -2.19 25.63 -11.94
CA THR A 73 -1.95 25.91 -13.36
C THR A 73 -3.20 25.82 -14.22
N LEU A 74 -3.13 26.46 -15.39
CA LEU A 74 -4.15 26.36 -16.42
C LEU A 74 -3.53 25.89 -17.73
N THR A 75 -4.07 24.81 -18.29
CA THR A 75 -3.55 24.28 -19.54
C THR A 75 -4.55 24.35 -20.67
N ILE A 76 -4.10 24.86 -21.81
CA ILE A 76 -4.89 24.88 -23.02
C ILE A 76 -4.29 23.88 -24.00
N SER A 77 -5.02 22.82 -24.31
CA SER A 77 -4.46 21.74 -25.11
C SER A 77 -4.10 22.22 -26.52
N ARG A 78 -4.91 23.12 -27.05
CA ARG A 78 -4.68 23.73 -28.36
C ARG A 78 -5.12 25.19 -28.30
N LEU A 79 -4.23 26.09 -28.65
CA LEU A 79 -4.55 27.51 -28.57
C LEU A 79 -5.29 27.98 -29.80
N GLU A 80 -6.55 28.35 -29.64
CA GLU A 80 -7.37 28.80 -30.76
C GLU A 80 -7.21 30.31 -30.95
N PRO A 81 -7.51 30.83 -32.15
CA PRO A 81 -7.56 32.25 -32.48
C PRO A 81 -8.46 33.04 -31.53
N GLU A 82 -9.43 32.37 -30.93
CA GLU A 82 -10.37 33.02 -30.02
C GLU A 82 -9.90 32.98 -28.57
N ASP A 83 -8.77 32.34 -28.31
CA ASP A 83 -8.27 32.17 -26.95
C ASP A 83 -7.22 33.22 -26.59
N PHE A 84 -6.97 34.15 -27.51
CA PHE A 84 -5.96 35.16 -27.26
C PHE A 84 -6.54 36.29 -26.41
N ALA A 85 -6.65 36.00 -25.12
CA ALA A 85 -7.30 36.88 -24.16
C ALA A 85 -6.46 37.00 -22.89
N VAL A 86 -6.94 37.78 -21.93
CA VAL A 86 -6.22 37.94 -20.68
C VAL A 86 -6.79 37.01 -19.61
N TYR A 87 -5.92 36.22 -19.00
CA TYR A 87 -6.34 35.26 -17.99
C TYR A 87 -6.00 35.74 -16.59
N TYR A 88 -6.90 35.46 -15.65
CA TYR A 88 -6.68 35.80 -14.25
C TYR A 88 -6.91 34.59 -13.36
N CYS A 89 -6.15 34.48 -12.27
CA CYS A 89 -6.44 33.50 -11.22
C CYS A 89 -7.08 34.21 -10.03
N GLN A 90 -8.00 33.51 -9.38
CA GLN A 90 -8.73 34.06 -8.24
C GLN A 90 -8.72 33.13 -7.05
N GLN A 91 -8.73 33.70 -5.86
CA GLN A 91 -8.94 32.91 -4.65
C GLN A 91 -9.88 33.62 -3.70
N HIS A 92 -10.69 32.83 -2.99
CA HIS A 92 -11.50 33.38 -1.91
C HIS A 92 -11.40 32.50 -0.67
N ASP A 93 -10.19 31.99 -0.43
CA ASP A 93 -9.87 31.24 0.78
C ASP A 93 -9.88 32.22 1.94
N THR A 94 -9.35 33.41 1.66
CA THR A 94 -9.39 34.51 2.62
C THR A 94 -9.75 35.79 1.87
N SER A 95 -10.70 36.55 2.40
CA SER A 95 -11.23 37.70 1.67
C SER A 95 -11.54 37.26 0.24
N LEU A 96 -11.14 38.06 -0.73
CA LEU A 96 -11.26 37.71 -2.13
C LEU A 96 -10.30 38.55 -2.96
N THR A 97 -9.40 37.88 -3.67
CA THR A 97 -8.40 38.59 -4.46
C THR A 97 -8.20 37.98 -5.84
N PHE A 98 -7.67 38.79 -6.75
CA PHE A 98 -7.30 38.35 -8.08
C PHE A 98 -5.80 38.51 -8.29
N GLY A 99 -5.24 37.71 -9.19
CA GLY A 99 -3.84 37.87 -9.59
C GLY A 99 -3.73 39.04 -10.56
N GLY A 100 -2.51 39.40 -10.92
CA GLY A 100 -2.29 40.52 -11.82
C GLY A 100 -2.87 40.27 -13.20
N GLY A 101 -2.78 39.01 -13.65
CA GLY A 101 -3.30 38.61 -14.95
C GLY A 101 -2.19 38.50 -15.99
N THR A 102 -2.40 37.61 -16.95
CA THR A 102 -1.45 37.40 -18.04
C THR A 102 -2.14 37.48 -19.39
N LYS A 103 -1.43 37.94 -20.41
CA LYS A 103 -1.99 38.04 -21.74
C LYS A 103 -1.45 36.96 -22.68
N VAL A 104 -2.36 36.25 -23.37
CA VAL A 104 -2.01 35.24 -24.36
C VAL A 104 -2.28 35.77 -25.76
N VAL B 2 -29.38 33.88 -17.95
CA VAL B 2 -29.11 34.91 -16.94
C VAL B 2 -28.38 36.10 -17.57
N GLN B 3 -28.86 37.31 -17.28
CA GLN B 3 -28.24 38.55 -17.75
C GLN B 3 -28.31 39.64 -16.68
N LEU B 4 -27.33 40.52 -16.70
CA LEU B 4 -27.32 41.70 -15.85
C LEU B 4 -27.24 42.95 -16.71
N VAL B 5 -28.06 43.95 -16.40
CA VAL B 5 -28.05 45.18 -17.18
C VAL B 5 -27.67 46.38 -16.31
N GLN B 6 -26.56 47.02 -16.67
CA GLN B 6 -26.07 48.15 -15.89
C GLN B 6 -26.36 49.49 -16.58
N SER B 7 -26.06 50.57 -15.87
CA SER B 7 -26.27 51.92 -16.37
C SER B 7 -25.17 52.38 -17.31
N GLY B 8 -25.39 53.52 -17.96
CA GLY B 8 -24.38 54.06 -18.87
C GLY B 8 -23.31 54.85 -18.14
N ALA B 9 -22.37 55.41 -18.90
CA ALA B 9 -21.24 56.13 -18.32
C ALA B 9 -21.66 57.46 -17.70
N GLU B 10 -20.92 57.86 -16.66
CA GLU B 10 -21.15 59.15 -16.01
C GLU B 10 -19.84 59.89 -15.75
N VAL B 11 -19.92 61.21 -15.68
CA VAL B 11 -18.75 62.03 -15.37
C VAL B 11 -18.97 62.79 -14.07
N LYS B 12 -18.02 62.63 -13.14
CA LYS B 12 -18.10 63.23 -11.82
C LYS B 12 -16.87 64.06 -11.49
N LYS B 13 -17.03 64.90 -10.48
CA LYS B 13 -15.90 65.73 -10.00
C LYS B 13 -15.48 65.20 -8.63
N PRO B 14 -14.19 65.28 -8.30
CA PRO B 14 -13.66 64.82 -7.02
C PRO B 14 -14.51 65.31 -5.86
N GLY B 15 -14.82 64.39 -4.95
CA GLY B 15 -15.65 64.70 -3.79
C GLY B 15 -17.10 64.28 -4.02
N ALA B 16 -17.46 64.06 -5.27
CA ALA B 16 -18.82 63.67 -5.64
C ALA B 16 -19.07 62.19 -5.39
N SER B 17 -20.34 61.79 -5.37
CA SER B 17 -20.70 60.39 -5.23
C SER B 17 -21.37 59.86 -6.50
N VAL B 18 -21.19 58.58 -6.77
CA VAL B 18 -21.82 57.94 -7.93
C VAL B 18 -22.65 56.73 -7.53
N LYS B 19 -23.83 56.61 -8.11
CA LYS B 19 -24.71 55.47 -7.85
C LYS B 19 -24.88 54.63 -9.11
N VAL B 20 -24.49 53.36 -9.02
CA VAL B 20 -24.54 52.46 -10.17
C VAL B 20 -25.55 51.34 -9.95
N SER B 21 -26.49 51.22 -10.87
CA SER B 21 -27.54 50.20 -10.78
C SER B 21 -27.14 48.91 -11.49
N CYS B 22 -27.85 47.81 -11.19
CA CYS B 22 -27.64 46.51 -11.84
C CYS B 22 -28.92 45.69 -11.83
N LYS B 23 -29.61 45.67 -12.97
CA LYS B 23 -30.88 44.96 -13.07
C LYS B 23 -30.63 43.50 -13.41
N ALA B 24 -31.15 42.60 -12.59
CA ALA B 24 -30.88 41.18 -12.78
C ALA B 24 -32.13 40.42 -13.19
N SER B 25 -31.95 39.45 -14.09
CA SER B 25 -33.05 38.59 -14.51
C SER B 25 -32.55 37.24 -15.01
N GLY B 26 -33.47 36.27 -15.10
CA GLY B 26 -33.16 34.94 -15.62
C GLY B 26 -32.93 33.93 -14.51
N TYR B 27 -33.03 34.38 -13.26
CA TYR B 27 -32.83 33.51 -12.11
C TYR B 27 -33.59 34.06 -10.90
N PRO B 28 -33.87 33.23 -9.89
CA PRO B 28 -34.39 33.60 -8.59
C PRO B 28 -33.48 34.61 -7.90
N PHE B 29 -33.98 35.83 -7.74
CA PHE B 29 -33.16 36.93 -7.24
C PHE B 29 -32.60 36.65 -5.85
N THR B 30 -33.46 36.13 -4.97
CA THR B 30 -33.09 35.99 -3.56
C THR B 30 -32.30 34.72 -3.27
N SER B 31 -31.94 33.98 -4.31
CA SER B 31 -31.16 32.76 -4.12
C SER B 31 -29.66 32.99 -4.31
N TYR B 32 -29.27 34.12 -4.89
CA TYR B 32 -27.85 34.38 -5.17
C TYR B 32 -27.46 35.80 -4.79
N GLY B 33 -26.22 35.96 -4.35
CA GLY B 33 -25.73 37.28 -3.98
C GLY B 33 -25.22 38.06 -5.18
N ILE B 34 -24.92 39.34 -4.96
CA ILE B 34 -24.38 40.21 -5.99
C ILE B 34 -23.05 40.82 -5.55
N SER B 35 -22.05 40.76 -6.40
CA SER B 35 -20.74 41.34 -6.10
C SER B 35 -20.37 42.44 -7.07
N TRP B 36 -19.45 43.29 -6.63
CA TRP B 36 -18.94 44.32 -7.52
C TRP B 36 -17.42 44.25 -7.62
N VAL B 37 -16.93 44.39 -8.85
CA VAL B 37 -15.50 44.36 -9.15
C VAL B 37 -15.14 45.56 -10.03
N ARG B 38 -14.06 46.24 -9.67
CA ARG B 38 -13.63 47.42 -10.40
C ARG B 38 -12.41 47.14 -11.28
N GLN B 39 -12.37 47.74 -12.46
CA GLN B 39 -11.21 47.63 -13.33
C GLN B 39 -10.78 48.96 -13.90
N ALA B 40 -9.72 49.55 -13.34
CA ALA B 40 -9.18 50.80 -13.84
C ALA B 40 -8.45 50.52 -15.16
N PRO B 41 -8.39 51.48 -16.09
CA PRO B 41 -7.73 51.37 -17.38
C PRO B 41 -6.30 50.87 -17.22
N GLY B 42 -5.97 49.81 -17.95
CA GLY B 42 -4.62 49.25 -17.93
C GLY B 42 -4.35 48.36 -16.73
N GLN B 43 -5.34 48.21 -15.86
CA GLN B 43 -5.17 47.44 -14.64
C GLN B 43 -5.96 46.13 -14.64
N GLY B 44 -5.78 45.35 -13.59
CA GLY B 44 -6.49 44.08 -13.44
C GLY B 44 -7.78 44.29 -12.66
N LEU B 45 -8.29 43.21 -12.08
CA LEU B 45 -9.55 43.27 -11.37
C LEU B 45 -9.36 43.46 -9.87
N GLU B 46 -10.12 44.39 -9.30
CA GLU B 46 -10.08 44.66 -7.86
C GLU B 46 -11.46 44.50 -7.23
N TRP B 47 -11.56 43.61 -6.25
CA TRP B 47 -12.84 43.35 -5.60
C TRP B 47 -13.26 44.49 -4.68
N MET B 48 -14.50 44.93 -4.79
CA MET B 48 -15.01 45.99 -3.93
C MET B 48 -15.80 45.45 -2.76
N GLY B 49 -16.67 44.47 -3.02
CA GLY B 49 -17.51 43.93 -1.96
C GLY B 49 -18.61 43.00 -2.46
N TRP B 50 -19.34 42.42 -1.51
CA TRP B 50 -20.42 41.47 -1.77
C TRP B 50 -21.65 41.81 -0.93
N ILE B 51 -22.84 41.65 -1.52
CA ILE B 51 -24.07 41.85 -0.76
C ILE B 51 -25.08 40.73 -0.97
N SER B 52 -25.67 40.29 0.14
CA SER B 52 -26.74 39.30 0.12
C SER B 52 -28.03 39.91 -0.39
N THR B 53 -28.82 39.13 -1.12
CA THR B 53 -30.11 39.57 -1.61
C THR B 53 -31.25 39.06 -0.74
N TYR B 54 -30.90 38.37 0.34
CA TYR B 54 -31.89 37.80 1.24
C TYR B 54 -31.79 38.42 2.63
N ASN B 55 -30.61 38.35 3.23
CA ASN B 55 -30.40 38.89 4.57
C ASN B 55 -30.06 40.37 4.55
N GLY B 56 -29.39 40.79 3.48
CA GLY B 56 -28.92 42.17 3.37
C GLY B 56 -27.53 42.32 3.96
N ASN B 57 -26.94 41.20 4.36
CA ASN B 57 -25.59 41.20 4.93
C ASN B 57 -24.57 41.58 3.87
N THR B 58 -23.54 42.31 4.30
CA THR B 58 -22.49 42.72 3.37
C THR B 58 -21.10 42.32 3.81
N ASN B 59 -20.19 42.28 2.85
CA ASN B 59 -18.77 42.02 3.09
C ASN B 59 -17.93 42.91 2.19
N TYR B 60 -17.36 43.98 2.74
CA TYR B 60 -16.67 44.95 1.85
C TYR B 60 -15.16 44.80 1.97
N ALA B 61 -14.45 45.01 0.88
CA ALA B 61 -12.98 44.98 0.95
C ALA B 61 -12.55 46.16 1.81
N GLN B 62 -11.61 45.96 2.74
CA GLN B 62 -11.22 47.04 3.68
C GLN B 62 -10.90 48.32 2.92
N LYS B 63 -10.09 48.24 1.85
CA LYS B 63 -9.65 49.47 1.14
C LYS B 63 -10.89 50.29 0.75
N PHE B 64 -12.04 49.64 0.55
CA PHE B 64 -13.24 50.37 0.08
C PHE B 64 -14.22 50.57 1.25
N GLN B 65 -13.76 50.33 2.48
CA GLN B 65 -14.64 50.50 3.67
C GLN B 65 -14.74 51.99 4.01
N GLY B 66 -15.94 52.44 4.36
CA GLY B 66 -16.17 53.85 4.67
C GLY B 66 -16.53 54.65 3.42
N ARG B 67 -16.35 54.05 2.25
CA ARG B 67 -16.65 54.74 1.00
C ARG B 67 -17.79 54.07 0.22
N VAL B 68 -17.89 52.75 0.33
CA VAL B 68 -18.86 52.01 -0.46
C VAL B 68 -20.02 51.46 0.35
N THR B 69 -21.23 51.77 -0.12
CA THR B 69 -22.45 51.24 0.47
C THR B 69 -23.24 50.46 -0.58
N MET B 70 -23.65 49.25 -0.23
CA MET B 70 -24.42 48.42 -1.14
C MET B 70 -25.82 48.17 -0.62
N THR B 71 -26.77 48.11 -1.54
CA THR B 71 -28.16 47.82 -1.19
C THR B 71 -28.85 47.10 -2.33
N THR B 72 -29.97 46.46 -2.04
CA THR B 72 -30.75 45.80 -3.08
C THR B 72 -32.23 46.09 -2.94
N ASP B 73 -32.95 46.02 -4.04
CA ASP B 73 -34.40 46.15 -4.03
C ASP B 73 -35.05 44.92 -4.63
N THR B 74 -35.58 44.05 -3.77
CA THR B 74 -36.07 42.76 -4.21
C THR B 74 -37.26 42.86 -5.17
N SER B 75 -38.16 43.80 -4.92
CA SER B 75 -39.39 43.91 -5.70
C SER B 75 -39.13 44.33 -7.14
N THR B 76 -37.93 44.86 -7.40
CA THR B 76 -37.57 45.27 -8.75
C THR B 76 -36.38 44.46 -9.23
N THR B 77 -36.02 43.44 -8.44
CA THR B 77 -34.86 42.61 -8.69
C THR B 77 -33.70 43.41 -9.27
N THR B 78 -33.32 44.47 -8.57
CA THR B 78 -32.22 45.33 -8.99
C THR B 78 -31.28 45.62 -7.83
N GLY B 79 -29.98 45.49 -8.08
CA GLY B 79 -28.97 45.83 -7.09
C GLY B 79 -28.47 47.25 -7.30
N TYR B 80 -27.95 47.85 -6.24
CA TYR B 80 -27.37 49.18 -6.34
C TYR B 80 -26.08 49.29 -5.54
N MET B 81 -25.15 50.10 -6.04
CA MET B 81 -23.94 50.43 -5.30
C MET B 81 -23.67 51.92 -5.31
N GLU B 82 -23.27 52.46 -4.17
CA GLU B 82 -22.90 53.87 -4.07
C GLU B 82 -21.48 54.06 -3.58
N LEU B 83 -20.68 54.78 -4.37
CA LEU B 83 -19.30 55.09 -4.01
C LEU B 83 -19.16 56.58 -3.71
N ARG B 84 -18.82 56.90 -2.46
CA ARG B 84 -18.75 58.28 -2.00
C ARG B 84 -17.34 58.85 -1.99
N ARG B 85 -17.25 60.18 -2.01
CA ARG B 85 -15.97 60.88 -1.95
C ARG B 85 -15.01 60.42 -3.03
N LEU B 86 -15.46 60.45 -4.27
CA LEU B 86 -14.65 60.00 -5.40
C LEU B 86 -13.35 60.76 -5.50
N ARG B 87 -12.27 60.04 -5.74
CA ARG B 87 -10.96 60.62 -5.96
C ARG B 87 -10.61 60.55 -7.44
N SER B 88 -9.61 61.30 -7.85
CA SER B 88 -9.18 61.29 -9.24
C SER B 88 -8.63 59.94 -9.67
N ASP B 89 -8.28 59.11 -8.69
CA ASP B 89 -7.70 57.80 -8.95
C ASP B 89 -8.77 56.71 -9.00
N ASP B 90 -10.04 57.11 -8.87
CA ASP B 90 -11.14 56.14 -8.88
C ASP B 90 -11.78 56.01 -10.24
N THR B 91 -11.15 56.55 -11.28
CA THR B 91 -11.67 56.38 -12.63
C THR B 91 -11.51 54.94 -13.05
N ALA B 92 -12.63 54.31 -13.39
CA ALA B 92 -12.62 52.88 -13.69
C ALA B 92 -13.94 52.40 -14.27
N VAL B 93 -13.92 51.18 -14.77
CA VAL B 93 -15.15 50.50 -15.16
C VAL B 93 -15.62 49.59 -14.04
N TYR B 94 -16.86 49.78 -13.61
CA TYR B 94 -17.41 49.04 -12.50
C TYR B 94 -18.33 47.91 -12.97
N TYR B 95 -17.93 46.68 -12.68
CA TYR B 95 -18.69 45.52 -13.12
C TYR B 95 -19.60 44.98 -12.02
N CYS B 96 -20.82 44.60 -12.42
CA CYS B 96 -21.77 43.89 -11.58
C CYS B 96 -21.72 42.41 -11.91
N ALA B 97 -21.67 41.56 -10.90
CA ALA B 97 -21.64 40.12 -11.17
C ALA B 97 -22.49 39.32 -10.19
N ARG B 98 -23.09 38.25 -10.69
CA ARG B 98 -23.79 37.28 -9.85
C ARG B 98 -22.79 36.28 -9.33
N ASP B 99 -22.70 36.14 -8.00
CA ASP B 99 -21.67 35.28 -7.44
C ASP B 99 -22.20 33.94 -7.01
N TYR B 100 -21.30 32.97 -6.96
CA TYR B 100 -21.54 31.70 -6.33
C TYR B 100 -20.36 31.42 -5.42
N THR B 101 -19.95 32.45 -4.68
CA THR B 101 -18.78 32.37 -3.81
C THR B 101 -19.19 32.39 -2.34
N ARG B 102 -20.38 32.91 -2.06
CA ARG B 102 -20.89 32.93 -0.70
C ARG B 102 -22.40 32.74 -0.70
N GLY B 103 -22.90 32.00 0.28
CA GLY B 103 -24.33 31.77 0.38
C GLY B 103 -25.07 33.03 0.75
N ALA B 104 -26.27 33.20 0.21
CA ALA B 104 -27.08 34.38 0.50
C ALA B 104 -27.84 34.21 1.82
N TRP B 105 -28.06 32.96 2.24
CA TRP B 105 -28.84 32.71 3.46
C TRP B 105 -27.94 32.43 4.65
N PHE B 106 -27.09 31.41 4.54
CA PHE B 106 -26.23 31.02 5.65
C PHE B 106 -25.00 31.92 5.78
N GLY B 107 -24.53 32.46 4.66
CA GLY B 107 -23.40 33.37 4.66
C GLY B 107 -22.02 32.70 4.66
N GLU B 108 -21.99 31.40 4.42
CA GLU B 108 -20.73 30.66 4.41
C GLU B 108 -20.21 30.53 2.98
N SER B 109 -18.91 30.30 2.85
CA SER B 109 -18.29 30.21 1.53
C SER B 109 -18.71 29.00 0.72
N LEU B 110 -18.91 29.22 -0.59
CA LEU B 110 -19.29 28.18 -1.53
C LEU B 110 -18.18 27.91 -2.54
N ILE B 111 -18.25 26.75 -3.19
CA ILE B 111 -17.32 26.45 -4.28
C ILE B 111 -17.88 26.98 -5.59
N GLY B 112 -17.17 27.92 -6.20
CA GLY B 112 -17.66 28.57 -7.41
C GLY B 112 -16.84 29.79 -7.77
N GLY B 113 -17.50 30.80 -8.33
CA GLY B 113 -16.88 32.03 -8.78
C GLY B 113 -17.96 33.03 -9.19
N PHE B 114 -17.59 34.00 -10.02
CA PHE B 114 -18.55 35.00 -10.50
C PHE B 114 -19.08 34.54 -11.86
N ASP B 115 -20.35 34.13 -11.90
CA ASP B 115 -20.90 33.43 -13.06
C ASP B 115 -21.43 34.33 -14.15
N ASN B 116 -22.08 35.42 -13.77
CA ASN B 116 -22.69 36.29 -14.77
C ASN B 116 -22.29 37.73 -14.58
N TRP B 117 -21.55 38.26 -15.55
CA TRP B 117 -21.02 39.62 -15.47
C TRP B 117 -21.84 40.56 -16.33
N GLY B 118 -21.95 41.81 -15.88
CA GLY B 118 -22.63 42.85 -16.65
C GLY B 118 -21.69 43.45 -17.68
N GLN B 119 -22.09 44.58 -18.24
CA GLN B 119 -21.33 45.22 -19.32
C GLN B 119 -20.14 46.00 -18.78
N GLY B 120 -20.33 46.58 -17.60
CA GLY B 120 -19.32 47.45 -17.01
C GLY B 120 -19.73 48.90 -17.17
N THR B 121 -19.81 49.62 -16.05
CA THR B 121 -20.20 51.02 -16.08
C THR B 121 -18.99 51.92 -15.91
N LEU B 122 -18.77 52.78 -16.89
CA LEU B 122 -17.60 53.65 -16.85
C LEU B 122 -17.86 54.93 -16.10
N VAL B 123 -17.07 55.15 -15.04
CA VAL B 123 -17.18 56.36 -14.25
C VAL B 123 -15.90 57.17 -14.36
N THR B 124 -16.03 58.39 -14.84
CA THR B 124 -14.89 59.27 -15.04
C THR B 124 -14.80 60.32 -13.94
N VAL B 125 -13.61 60.47 -13.34
CA VAL B 125 -13.37 61.44 -12.27
C VAL B 125 -11.88 61.71 -12.14
N SER C 1 -12.92 -2.05 34.39
CA SER C 1 -12.17 -1.93 35.64
C SER C 1 -11.04 -2.97 35.76
N THR C 2 -11.12 -4.05 34.97
CA THR C 2 -10.16 -5.15 35.01
C THR C 2 -9.09 -4.98 33.93
N ILE C 3 -8.12 -5.89 33.93
CA ILE C 3 -7.01 -5.82 32.98
C ILE C 3 -7.47 -6.04 31.56
N GLU C 4 -8.36 -6.99 31.35
CA GLU C 4 -8.80 -7.31 30.01
C GLU C 4 -9.49 -6.12 29.35
N GLU C 5 -10.33 -5.40 30.10
CA GLU C 5 -11.04 -4.24 29.57
C GLU C 5 -10.09 -3.08 29.33
N GLN C 6 -9.11 -2.91 30.21
CA GLN C 6 -8.10 -1.87 30.03
C GLN C 6 -7.26 -2.18 28.81
N ALA C 7 -6.96 -3.46 28.61
CA ALA C 7 -6.17 -3.90 27.46
C ALA C 7 -6.89 -3.58 26.17
N LYS C 8 -8.21 -3.74 26.15
CA LYS C 8 -8.99 -3.44 24.96
C LYS C 8 -8.88 -1.96 24.60
N THR C 9 -9.02 -1.08 25.59
CA THR C 9 -8.92 0.36 25.35
C THR C 9 -7.53 0.72 24.85
N PHE C 10 -6.52 0.14 25.49
CA PHE C 10 -5.14 0.37 25.10
C PHE C 10 -4.90 -0.01 23.65
N LEU C 11 -5.33 -1.21 23.27
CA LEU C 11 -5.13 -1.67 21.90
C LEU C 11 -5.89 -0.82 20.89
N ASP C 12 -7.17 -0.51 21.15
CA ASP C 12 -7.93 0.38 20.23
C ASP C 12 -7.08 1.61 19.90
N LYS C 13 -6.48 2.23 20.91
CA LYS C 13 -5.65 3.43 20.70
C LYS C 13 -4.33 3.06 20.01
N PHE C 14 -3.74 1.91 20.32
CA PHE C 14 -2.41 1.53 19.75
C PHE C 14 -2.52 1.36 18.25
N ASN C 15 -3.70 1.02 17.75
CA ASN C 15 -3.88 0.76 16.30
C ASN C 15 -4.23 2.05 15.59
N HIS C 16 -5.13 2.87 16.16
CA HIS C 16 -5.59 4.11 15.47
C HIS C 16 -4.48 5.14 15.41
N GLU C 17 -3.25 4.77 15.80
CA GLU C 17 -2.10 5.70 15.66
C GLU C 17 -0.94 4.95 14.99
N ALA C 18 -0.76 3.67 15.32
CA ALA C 18 0.33 2.87 14.72
C ALA C 18 0.00 2.63 13.26
N GLU C 19 -1.27 2.75 12.90
CA GLU C 19 -1.61 2.62 11.45
C GLU C 19 -0.98 3.79 10.70
N ASP C 20 -1.15 5.03 11.21
CA ASP C 20 -0.64 6.23 10.48
C ASP C 20 0.89 6.25 10.47
N LEU C 21 1.54 6.16 11.63
CA LEU C 21 3.02 6.28 11.70
C LEU C 21 3.65 5.17 10.84
N PHE C 22 3.01 4.02 10.76
CA PHE C 22 3.51 2.97 9.86
C PHE C 22 3.41 3.51 8.44
N TYR C 23 2.19 3.79 7.99
CA TYR C 23 1.99 4.26 6.64
C TYR C 23 3.08 5.23 6.23
N GLN C 24 3.36 6.21 7.08
CA GLN C 24 4.37 7.22 6.76
C GLN C 24 5.73 6.58 6.49
N SER C 25 6.10 5.61 7.32
CA SER C 25 7.37 4.93 7.15
C SER C 25 7.44 4.12 5.86
N SER C 26 6.39 3.35 5.59
CA SER C 26 6.38 2.48 4.43
C SER C 26 6.35 3.29 3.14
N LEU C 27 5.60 4.38 3.14
CA LEU C 27 5.50 5.22 1.95
C LEU C 27 6.83 5.88 1.65
N ALA C 28 7.51 6.37 2.68
CA ALA C 28 8.82 6.98 2.46
C ALA C 28 9.78 5.97 1.86
N SER C 29 9.69 4.72 2.32
CA SER C 29 10.53 3.66 1.79
C SER C 29 10.22 3.40 0.31
N TRP C 30 8.93 3.37 -0.03
CA TRP C 30 8.51 3.23 -1.42
C TRP C 30 9.11 4.33 -2.28
N ASN C 31 8.95 5.58 -1.84
CA ASN C 31 9.41 6.72 -2.62
C ASN C 31 10.91 6.63 -2.89
N TYR C 32 11.66 6.17 -1.91
CA TYR C 32 13.09 5.95 -2.09
C TYR C 32 13.38 4.87 -3.12
N ASN C 33 12.75 3.71 -2.98
CA ASN C 33 13.05 2.58 -3.84
C ASN C 33 12.75 2.86 -5.30
N THR C 34 11.74 3.67 -5.57
CA THR C 34 11.41 4.02 -6.96
C THR C 34 12.15 5.26 -7.48
N ASN C 35 12.93 5.94 -6.62
CA ASN C 35 13.63 7.16 -6.91
C ASN C 35 14.78 7.37 -5.88
N ILE C 36 15.97 6.88 -6.25
CA ILE C 36 17.09 6.83 -5.30
C ILE C 36 17.83 8.16 -5.24
N THR C 37 17.55 8.94 -4.19
CA THR C 37 18.13 10.26 -4.01
C THR C 37 18.54 10.47 -2.56
N GLU C 38 19.40 11.43 -2.32
CA GLU C 38 19.82 11.75 -0.96
C GLU C 38 18.65 12.27 -0.13
N GLU C 39 17.79 13.06 -0.75
CA GLU C 39 16.66 13.62 -0.03
C GLU C 39 15.67 12.54 0.38
N ASN C 40 15.47 11.55 -0.48
CA ASN C 40 14.55 10.46 -0.15
C ASN C 40 15.11 9.57 0.95
N VAL C 41 16.44 9.46 1.03
CA VAL C 41 17.05 8.69 2.11
C VAL C 41 16.79 9.35 3.45
N GLN C 42 16.94 10.66 3.51
CA GLN C 42 16.71 11.39 4.75
C GLN C 42 15.26 11.26 5.20
N ASN C 43 14.32 11.33 4.26
CA ASN C 43 12.91 11.21 4.60
C ASN C 43 12.57 9.80 5.04
N MET C 44 13.19 8.82 4.39
CA MET C 44 13.01 7.42 4.75
C MET C 44 13.51 7.14 6.15
N ASN C 45 14.70 7.64 6.46
CA ASN C 45 15.31 7.39 7.76
C ASN C 45 14.55 8.09 8.87
N ASN C 46 14.05 9.30 8.60
CA ASN C 46 13.33 10.05 9.61
C ASN C 46 12.00 9.38 9.96
N ALA C 47 11.25 8.99 8.94
CA ALA C 47 9.97 8.32 9.16
C ALA C 47 10.20 6.96 9.83
N GLY C 48 11.27 6.30 9.44
CA GLY C 48 11.63 5.00 10.01
C GLY C 48 11.88 5.10 11.50
N ASP C 49 12.70 6.08 11.90
CA ASP C 49 13.04 6.26 13.30
C ASP C 49 11.82 6.59 14.14
N LYS C 50 10.90 7.39 13.59
CA LYS C 50 9.69 7.74 14.33
C LYS C 50 8.86 6.49 14.61
N TRP C 51 8.73 5.63 13.61
CA TRP C 51 8.00 4.37 13.77
C TRP C 51 8.63 3.49 14.83
N SER C 52 9.94 3.36 14.79
CA SER C 52 10.64 2.54 15.77
C SER C 52 10.46 3.07 17.18
N ALA C 53 10.49 4.39 17.33
CA ALA C 53 10.22 5.01 18.65
C ALA C 53 8.82 4.60 19.16
N PHE C 54 7.76 4.98 18.43
CA PHE C 54 6.37 4.67 18.86
C PHE C 54 6.28 3.23 19.36
N LEU C 55 6.94 2.30 18.67
CA LEU C 55 6.82 0.87 19.05
C LEU C 55 7.51 0.63 20.41
N LYS C 56 8.66 1.26 20.63
CA LYS C 56 9.40 1.10 21.89
C LYS C 56 8.58 1.62 23.06
N GLU C 57 7.96 2.78 22.89
CA GLU C 57 7.16 3.41 23.95
C GLU C 57 5.90 2.60 24.25
N GLN C 58 5.26 2.09 23.21
CA GLN C 58 4.03 1.33 23.37
C GLN C 58 4.29 -0.04 23.96
N SER C 59 5.41 -0.64 23.55
CA SER C 59 5.79 -1.95 24.06
C SER C 59 6.03 -1.89 25.55
N THR C 60 6.68 -0.82 26.01
CA THR C 60 6.95 -0.65 27.43
C THR C 60 5.65 -0.48 28.21
N LEU C 61 4.75 0.35 27.70
CA LEU C 61 3.48 0.60 28.37
C LEU C 61 2.66 -0.68 28.50
N ALA C 62 2.72 -1.52 27.46
CA ALA C 62 1.95 -2.75 27.39
C ALA C 62 2.32 -3.76 28.48
N GLN C 63 3.44 -3.53 29.16
CA GLN C 63 3.94 -4.47 30.16
C GLN C 63 3.07 -4.49 31.42
N MET C 64 2.18 -3.50 31.56
CA MET C 64 1.35 -3.41 32.76
C MET C 64 0.02 -4.11 32.59
N TYR C 65 -0.12 -4.87 31.52
CA TYR C 65 -1.35 -5.63 31.27
C TYR C 65 -1.05 -7.13 31.15
N PRO C 66 -0.86 -7.83 32.28
CA PRO C 66 -0.40 -9.21 32.34
C PRO C 66 -1.40 -10.13 31.65
N LEU C 67 -0.87 -11.11 30.93
CA LEU C 67 -1.70 -11.98 30.10
C LEU C 67 -2.50 -12.98 30.93
N GLN C 68 -2.10 -13.16 32.18
CA GLN C 68 -2.76 -14.10 33.07
C GLN C 68 -4.17 -13.62 33.42
N GLU C 69 -4.43 -12.34 33.21
CA GLU C 69 -5.71 -11.74 33.55
C GLU C 69 -6.61 -11.62 32.33
N ILE C 70 -6.16 -12.16 31.20
CA ILE C 70 -6.90 -12.06 29.95
C ILE C 70 -7.36 -13.43 29.47
N GLN C 71 -8.65 -13.55 29.18
CA GLN C 71 -9.21 -14.83 28.75
C GLN C 71 -9.52 -14.89 27.23
N ASN C 72 -9.87 -13.72 26.66
CA ASN C 72 -10.20 -13.63 25.22
C ASN C 72 -8.92 -13.71 24.39
N LEU C 73 -8.86 -14.69 23.49
CA LEU C 73 -7.69 -14.93 22.63
C LEU C 73 -7.46 -13.76 21.67
N THR C 74 -8.54 -13.12 21.22
CA THR C 74 -8.41 -12.02 20.29
C THR C 74 -7.59 -10.89 20.91
N VAL C 75 -7.78 -10.69 22.21
CA VAL C 75 -7.03 -9.67 22.94
C VAL C 75 -5.66 -10.21 23.35
N LYS C 76 -5.63 -11.45 23.84
CA LYS C 76 -4.41 -12.03 24.37
C LYS C 76 -3.31 -12.13 23.31
N LEU C 77 -3.64 -12.66 22.13
CA LEU C 77 -2.63 -12.82 21.09
C LEU C 77 -2.28 -11.47 20.46
N GLN C 78 -3.24 -10.57 20.42
CA GLN C 78 -3.02 -9.24 19.86
C GLN C 78 -2.15 -8.41 20.79
N LEU C 79 -2.36 -8.58 22.09
CA LEU C 79 -1.59 -7.87 23.10
C LEU C 79 -0.20 -8.50 23.28
N GLN C 80 -0.14 -9.82 23.29
CA GLN C 80 1.13 -10.52 23.46
C GLN C 80 2.12 -10.11 22.39
N ALA C 81 1.60 -9.88 21.18
CA ALA C 81 2.42 -9.47 20.06
C ALA C 81 3.12 -8.14 20.32
N LEU C 82 2.60 -7.37 21.27
CA LEU C 82 3.11 -6.04 21.57
C LEU C 82 3.82 -6.00 22.93
N GLN C 83 4.06 -7.16 23.54
CA GLN C 83 4.72 -7.21 24.84
C GLN C 83 6.10 -7.86 24.80
N GLN C 84 6.61 -8.12 23.61
CA GLN C 84 7.93 -8.75 23.48
C GLN C 84 9.04 -7.70 23.63
N ASN C 85 10.00 -7.96 24.54
CA ASN C 85 11.10 -7.05 24.81
C ASN C 85 12.21 -7.13 23.73
N GLY C 86 12.46 -8.35 23.25
CA GLY C 86 13.56 -8.60 22.31
C GLY C 86 14.91 -8.26 22.94
N SER C 87 15.69 -7.44 22.25
CA SER C 87 17.02 -7.06 22.70
C SER C 87 17.00 -6.09 23.87
N SER C 88 15.82 -5.59 24.23
CA SER C 88 15.69 -4.61 25.31
C SER C 88 15.98 -5.23 26.67
N VAL C 89 16.05 -6.56 26.71
CA VAL C 89 16.35 -7.27 27.96
C VAL C 89 17.83 -7.18 28.32
N LEU C 90 18.65 -6.79 27.35
CA LEU C 90 20.09 -6.72 27.57
C LEU C 90 20.48 -5.37 28.12
N SER C 91 21.61 -5.33 28.82
CA SER C 91 22.14 -4.08 29.33
C SER C 91 22.65 -3.23 28.17
N GLU C 92 22.87 -1.95 28.42
CA GLU C 92 23.25 -1.03 27.36
C GLU C 92 24.54 -1.45 26.64
N ASP C 93 25.49 -1.96 27.40
CA ASP C 93 26.77 -2.34 26.82
C ASP C 93 26.63 -3.53 25.88
N LYS C 94 25.79 -4.49 26.26
CA LYS C 94 25.59 -5.69 25.46
C LYS C 94 24.71 -5.40 24.26
N SER C 95 23.74 -4.50 24.43
CA SER C 95 22.88 -4.13 23.32
C SER C 95 23.68 -3.46 22.23
N LYS C 96 24.55 -2.53 22.61
CA LYS C 96 25.40 -1.84 21.65
C LYS C 96 26.38 -2.77 20.97
N ARG C 97 26.94 -3.71 21.73
CA ARG C 97 27.92 -4.63 21.17
C ARG C 97 27.27 -5.59 20.18
N LEU C 98 26.09 -6.09 20.51
CA LEU C 98 25.41 -7.01 19.63
C LEU C 98 25.02 -6.35 18.31
N ASN C 99 24.54 -5.11 18.40
CA ASN C 99 24.17 -4.38 17.18
C ASN C 99 25.39 -4.09 16.33
N THR C 100 26.52 -3.81 16.97
CA THR C 100 27.76 -3.56 16.26
C THR C 100 28.20 -4.81 15.49
N ILE C 101 28.13 -5.96 16.16
CA ILE C 101 28.51 -7.21 15.52
C ILE C 101 27.62 -7.53 14.34
N LEU C 102 26.32 -7.37 14.52
CA LEU C 102 25.40 -7.70 13.45
C LEU C 102 25.63 -6.84 12.23
N ASN C 103 25.84 -5.54 12.43
CA ASN C 103 26.07 -4.64 11.31
C ASN C 103 27.41 -4.93 10.63
N THR C 104 28.40 -5.32 11.42
CA THR C 104 29.71 -5.66 10.87
C THR C 104 29.63 -6.90 9.99
N MET C 105 28.95 -7.93 10.46
CA MET C 105 28.86 -9.21 9.71
C MET C 105 28.07 -8.99 8.41
N SER C 106 27.04 -8.15 8.46
CA SER C 106 26.26 -7.87 7.26
C SER C 106 27.13 -7.17 6.23
N THR C 107 27.91 -6.19 6.66
CA THR C 107 28.78 -5.45 5.76
C THR C 107 29.83 -6.35 5.12
N ILE C 108 30.46 -7.22 5.91
CA ILE C 108 31.51 -8.09 5.40
C ILE C 108 31.00 -8.95 4.26
N TYR C 109 29.83 -9.54 4.44
CA TYR C 109 29.21 -10.32 3.39
C TYR C 109 28.90 -9.45 2.16
N SER C 110 28.22 -8.33 2.39
CA SER C 110 27.72 -7.50 1.31
C SER C 110 28.82 -6.89 0.44
N THR C 111 29.95 -6.57 1.05
CA THR C 111 31.05 -5.94 0.32
C THR C 111 32.19 -6.92 0.10
N GLY C 112 31.94 -8.21 0.35
CA GLY C 112 32.97 -9.22 0.19
C GLY C 112 33.33 -9.38 -1.28
N LYS C 113 34.61 -9.62 -1.55
CA LYS C 113 35.06 -9.79 -2.92
C LYS C 113 36.32 -10.62 -2.99
N VAL C 114 36.59 -11.16 -4.18
CA VAL C 114 37.81 -11.92 -4.44
C VAL C 114 38.72 -11.18 -5.40
N CYS C 115 39.82 -10.62 -4.89
CA CYS C 115 40.73 -9.77 -5.63
C CYS C 115 42.19 -10.00 -5.28
N CYS C 123 39.71 -9.01 -10.23
CA CYS C 123 39.00 -8.53 -9.06
C CYS C 123 37.49 -8.56 -9.31
N LEU C 124 36.82 -9.49 -8.65
CA LEU C 124 35.37 -9.65 -8.83
C LEU C 124 34.62 -9.81 -7.52
N LEU C 125 33.36 -9.39 -7.53
CA LEU C 125 32.48 -9.49 -6.36
C LEU C 125 31.61 -10.73 -6.44
N LEU C 126 30.92 -11.04 -5.35
CA LEU C 126 29.99 -12.18 -5.36
C LEU C 126 28.97 -12.03 -6.49
N GLU C 127 28.37 -10.86 -6.58
CA GLU C 127 27.33 -10.60 -7.57
C GLU C 127 27.60 -9.34 -8.36
N PRO C 128 27.52 -9.39 -9.70
CA PRO C 128 27.45 -10.54 -10.61
C PRO C 128 28.82 -11.08 -11.00
N GLY C 129 29.52 -11.74 -10.07
CA GLY C 129 30.86 -12.22 -10.35
C GLY C 129 30.96 -13.71 -10.08
N LEU C 130 31.19 -14.07 -8.82
CA LEU C 130 31.34 -15.46 -8.44
C LEU C 130 30.07 -16.23 -8.76
N ASN C 131 28.92 -15.59 -8.57
CA ASN C 131 27.64 -16.23 -8.82
C ASN C 131 27.50 -16.62 -10.30
N GLU C 132 28.06 -15.80 -11.19
CA GLU C 132 27.99 -16.10 -12.62
C GLU C 132 28.86 -17.29 -12.97
N ILE C 133 30.01 -17.38 -12.30
CA ILE C 133 30.89 -18.51 -12.54
C ILE C 133 30.22 -19.80 -12.10
N MET C 134 29.67 -19.78 -10.89
CA MET C 134 29.05 -20.97 -10.33
C MET C 134 27.77 -21.34 -11.10
N ALA C 135 27.09 -20.33 -11.65
CA ALA C 135 25.84 -20.57 -12.35
C ALA C 135 26.03 -21.20 -13.73
N ASN C 136 27.03 -20.76 -14.50
CA ASN C 136 27.12 -21.23 -15.88
C ASN C 136 28.51 -21.63 -16.38
N SER C 137 29.52 -21.64 -15.54
CA SER C 137 30.84 -22.04 -16.03
C SER C 137 31.07 -23.54 -15.86
N LEU C 138 31.10 -24.27 -16.96
CA LEU C 138 31.25 -25.72 -16.91
C LEU C 138 32.72 -26.11 -16.91
N ASP C 139 33.40 -25.75 -15.83
CA ASP C 139 34.83 -26.05 -15.69
C ASP C 139 35.17 -26.39 -14.24
N TYR C 140 35.64 -27.60 -14.01
CA TYR C 140 35.88 -28.09 -12.65
C TYR C 140 36.81 -27.16 -11.86
N ASN C 141 37.94 -26.80 -12.46
CA ASN C 141 38.95 -26.03 -11.73
C ASN C 141 38.50 -24.61 -11.44
N GLU C 142 37.86 -23.96 -12.40
CA GLU C 142 37.41 -22.59 -12.18
C GLU C 142 36.32 -22.52 -11.12
N ARG C 143 35.41 -23.48 -11.15
CA ARG C 143 34.33 -23.53 -10.18
C ARG C 143 34.87 -23.75 -8.78
N LEU C 144 35.86 -24.64 -8.66
CA LEU C 144 36.45 -24.93 -7.36
C LEU C 144 37.13 -23.70 -6.78
N TRP C 145 37.84 -22.96 -7.63
CA TRP C 145 38.48 -21.73 -7.19
C TRP C 145 37.47 -20.75 -6.64
N ALA C 146 36.37 -20.52 -7.36
CA ALA C 146 35.33 -19.61 -6.87
C ALA C 146 34.91 -20.06 -5.47
N TRP C 147 34.65 -21.35 -5.29
CA TRP C 147 34.16 -21.87 -3.99
C TRP C 147 35.20 -21.59 -2.91
N GLU C 148 36.33 -22.29 -2.98
CA GLU C 148 37.35 -22.17 -1.91
C GLU C 148 37.84 -20.73 -1.78
N SER C 149 37.44 -19.82 -2.68
CA SER C 149 37.86 -18.45 -2.44
C SER C 149 36.86 -17.69 -1.58
N TRP C 150 35.57 -17.82 -1.90
CA TRP C 150 34.55 -17.14 -1.09
C TRP C 150 34.59 -17.62 0.36
N ARG C 151 34.70 -18.94 0.54
CA ARG C 151 34.71 -19.52 1.87
C ARG C 151 35.85 -18.97 2.72
N SER C 152 36.99 -18.72 2.09
CA SER C 152 38.14 -18.19 2.81
C SER C 152 38.05 -16.67 3.00
N GLU C 153 37.80 -15.94 1.92
CA GLU C 153 37.84 -14.48 1.97
C GLU C 153 36.79 -13.88 2.90
N VAL C 154 35.61 -14.48 2.93
CA VAL C 154 34.54 -14.00 3.79
C VAL C 154 34.37 -14.85 5.04
N GLY C 155 34.42 -16.17 4.87
CA GLY C 155 34.20 -17.07 6.00
C GLY C 155 35.17 -16.81 7.16
N LYS C 156 36.41 -16.46 6.85
CA LYS C 156 37.40 -16.22 7.89
C LYS C 156 37.22 -14.87 8.58
N GLN C 157 36.41 -14.00 8.00
CA GLN C 157 36.15 -12.70 8.62
C GLN C 157 34.93 -12.77 9.52
N LEU C 158 33.97 -13.63 9.17
CA LEU C 158 32.69 -13.70 9.92
C LEU C 158 32.69 -14.88 10.88
N ARG C 159 33.85 -15.36 11.31
CA ARG C 159 33.89 -16.44 12.31
C ARG C 159 34.05 -15.82 13.69
N PRO C 160 35.11 -15.04 13.96
CA PRO C 160 35.33 -14.51 15.31
C PRO C 160 34.13 -13.70 15.80
N LEU C 161 33.46 -12.97 14.91
CA LEU C 161 32.24 -12.20 15.28
C LEU C 161 31.09 -13.19 15.53
N TYR C 162 31.04 -14.29 14.79
CA TYR C 162 29.88 -15.22 14.91
C TYR C 162 29.95 -15.97 16.24
N GLU C 163 31.16 -16.19 16.75
CA GLU C 163 31.30 -16.86 18.07
C GLU C 163 30.59 -15.99 19.14
N GLU C 164 30.74 -14.67 19.05
CA GLU C 164 30.06 -13.74 20.00
C GLU C 164 28.56 -13.68 19.71
N TYR C 165 28.17 -13.42 18.47
CA TYR C 165 26.74 -13.31 18.09
C TYR C 165 25.96 -14.49 18.67
N VAL C 166 26.54 -15.69 18.69
CA VAL C 166 25.78 -16.89 19.18
C VAL C 166 25.53 -16.72 20.66
N VAL C 167 26.54 -16.32 21.44
CA VAL C 167 26.46 -16.18 22.88
C VAL C 167 25.51 -15.07 23.30
N LEU C 168 25.63 -13.91 22.68
CA LEU C 168 24.79 -12.77 23.02
C LEU C 168 23.34 -13.03 22.67
N LYS C 169 23.09 -13.71 21.56
CA LYS C 169 21.72 -14.03 21.16
C LYS C 169 21.03 -14.96 22.16
N ASN C 170 21.78 -15.92 22.69
CA ASN C 170 21.20 -16.83 23.68
C ASN C 170 20.85 -16.10 24.97
N GLU C 171 21.67 -15.15 25.38
CA GLU C 171 21.38 -14.40 26.60
C GLU C 171 20.09 -13.60 26.42
N MET C 172 19.91 -13.04 25.24
CA MET C 172 18.69 -12.29 24.93
C MET C 172 17.46 -13.17 25.05
N ALA C 173 17.49 -14.32 24.38
CA ALA C 173 16.34 -15.21 24.38
C ALA C 173 16.04 -15.74 25.77
N ARG C 174 17.07 -16.03 26.54
CA ARG C 174 16.88 -16.59 27.88
C ARG C 174 16.20 -15.60 28.82
N ALA C 175 16.46 -14.32 28.61
CA ALA C 175 15.86 -13.29 29.44
C ALA C 175 14.39 -13.06 29.06
N ASN C 176 13.95 -13.74 28.01
CA ASN C 176 12.56 -13.67 27.57
C ASN C 176 11.85 -14.99 27.87
N HIS C 177 12.46 -15.79 28.75
CA HIS C 177 11.93 -17.09 29.18
C HIS C 177 11.98 -18.17 28.10
N TYR C 178 13.02 -18.15 27.27
CA TYR C 178 13.25 -19.24 26.32
C TYR C 178 14.49 -20.02 26.75
N GLU C 179 14.60 -21.27 26.32
CA GLU C 179 15.79 -22.06 26.64
C GLU C 179 17.00 -21.49 25.91
N ASP C 180 16.78 -21.11 24.65
CA ASP C 180 17.82 -20.53 23.82
C ASP C 180 17.21 -19.82 22.63
N TYR C 181 18.05 -19.26 21.77
CA TYR C 181 17.59 -18.53 20.61
C TYR C 181 16.85 -19.42 19.61
N GLY C 182 17.10 -20.73 19.68
CA GLY C 182 16.43 -21.67 18.80
C GLY C 182 14.93 -21.68 19.07
N ASP C 183 14.56 -21.76 20.34
CA ASP C 183 13.16 -21.73 20.76
C ASP C 183 12.55 -20.39 20.42
N TYR C 184 13.33 -19.34 20.52
CA TYR C 184 12.86 -18.00 20.21
C TYR C 184 12.36 -17.96 18.77
N TRP C 185 13.21 -18.39 17.83
CA TRP C 185 12.86 -18.37 16.41
C TRP C 185 11.59 -19.15 16.09
N ARG C 186 11.53 -20.39 16.55
CA ARG C 186 10.42 -21.25 16.17
C ARG C 186 9.25 -21.10 17.10
N GLY C 187 9.30 -20.08 17.95
CA GLY C 187 8.18 -19.76 18.82
C GLY C 187 7.01 -19.26 17.99
N ASP C 188 7.29 -18.87 16.74
CA ASP C 188 6.25 -18.38 15.83
C ASP C 188 5.28 -19.48 15.44
N TYR C 189 5.70 -20.73 15.61
CA TYR C 189 4.87 -21.87 15.24
C TYR C 189 3.99 -22.30 16.41
N GLU C 190 4.28 -21.76 17.59
CA GLU C 190 3.60 -22.20 18.79
C GLU C 190 2.13 -21.85 18.81
N VAL C 191 1.31 -22.81 19.20
CA VAL C 191 -0.11 -22.61 19.38
C VAL C 191 -0.53 -23.07 20.76
N ASN C 192 -1.22 -22.21 21.50
CA ASN C 192 -1.72 -22.58 22.82
C ASN C 192 -3.01 -21.86 23.12
N GLY C 193 -3.67 -22.28 24.20
CA GLY C 193 -4.91 -21.65 24.63
C GLY C 193 -6.12 -22.22 23.87
N VAL C 194 -5.85 -23.18 22.99
CA VAL C 194 -6.88 -23.78 22.17
C VAL C 194 -6.94 -25.29 22.33
N ASP C 195 -8.12 -25.81 22.62
CA ASP C 195 -8.31 -27.22 22.89
C ASP C 195 -8.31 -28.05 21.61
N GLY C 196 -7.30 -28.90 21.45
CA GLY C 196 -7.19 -29.77 20.28
C GLY C 196 -6.29 -29.20 19.20
N TYR C 197 -5.85 -27.96 19.36
CA TYR C 197 -5.00 -27.32 18.36
C TYR C 197 -3.63 -26.97 18.95
N ASP C 198 -3.41 -27.35 20.20
CA ASP C 198 -2.16 -27.04 20.89
C ASP C 198 -0.97 -27.60 20.11
N TYR C 199 0.06 -26.77 19.95
CA TYR C 199 1.25 -27.15 19.21
C TYR C 199 2.49 -26.57 19.89
N SER C 200 3.25 -27.42 20.57
CA SER C 200 4.43 -26.95 21.29
C SER C 200 5.52 -26.51 20.33
N ARG C 201 6.26 -25.48 20.70
CA ARG C 201 7.38 -25.01 19.89
C ARG C 201 8.48 -26.04 19.82
N GLY C 202 8.46 -26.99 20.75
CA GLY C 202 9.46 -28.06 20.75
C GLY C 202 9.02 -29.24 19.89
N GLN C 203 7.82 -29.12 19.30
CA GLN C 203 7.27 -30.19 18.48
C GLN C 203 7.71 -30.08 17.03
N LEU C 204 8.05 -28.87 16.60
CA LEU C 204 8.41 -28.65 15.21
C LEU C 204 9.57 -29.52 14.80
N ILE C 205 10.51 -29.75 15.72
CA ILE C 205 11.67 -30.57 15.40
C ILE C 205 11.25 -31.98 15.04
N GLU C 206 10.37 -32.57 15.85
CA GLU C 206 9.94 -33.93 15.60
C GLU C 206 9.14 -34.05 14.31
N ASP C 207 8.30 -33.07 14.03
CA ASP C 207 7.47 -33.11 12.84
C ASP C 207 8.27 -32.90 11.57
N VAL C 208 9.25 -32.00 11.61
CA VAL C 208 10.11 -31.77 10.47
C VAL C 208 10.96 -33.00 10.17
N GLU C 209 11.54 -33.61 11.20
CA GLU C 209 12.36 -34.79 11.01
C GLU C 209 11.55 -35.94 10.43
N HIS C 210 10.32 -36.09 10.90
CA HIS C 210 9.43 -37.14 10.43
C HIS C 210 9.13 -36.98 8.94
N THR C 211 8.72 -35.79 8.53
CA THR C 211 8.37 -35.54 7.15
C THR C 211 9.57 -35.69 6.23
N PHE C 212 10.74 -35.29 6.71
CA PHE C 212 11.94 -35.41 5.90
C PHE C 212 12.21 -36.85 5.51
N GLU C 213 12.13 -37.75 6.49
CA GLU C 213 12.42 -39.16 6.23
C GLU C 213 11.45 -39.77 5.23
N GLU C 214 10.18 -39.36 5.29
CA GLU C 214 9.19 -39.88 4.35
C GLU C 214 9.50 -39.47 2.92
N ILE C 215 10.01 -38.25 2.73
CA ILE C 215 10.34 -37.72 1.41
C ILE C 215 11.66 -38.27 0.88
N LYS C 216 12.63 -38.47 1.76
CA LYS C 216 13.98 -38.87 1.38
C LYS C 216 14.09 -39.89 0.22
N PRO C 217 13.30 -40.98 0.18
CA PRO C 217 13.32 -41.98 -0.89
C PRO C 217 13.19 -41.35 -2.29
N LEU C 218 12.43 -40.27 -2.39
CA LEU C 218 12.30 -39.55 -3.66
C LEU C 218 13.60 -38.86 -3.97
N TYR C 219 14.19 -38.25 -2.96
CA TYR C 219 15.46 -37.57 -3.10
C TYR C 219 16.56 -38.53 -3.50
N GLU C 220 16.58 -39.72 -2.91
CA GLU C 220 17.63 -40.69 -3.21
C GLU C 220 17.66 -41.07 -4.68
N HIS C 221 16.49 -41.22 -5.29
CA HIS C 221 16.42 -41.54 -6.71
C HIS C 221 16.78 -40.34 -7.58
N LEU C 222 16.35 -39.15 -7.16
CA LEU C 222 16.68 -37.94 -7.91
C LEU C 222 18.18 -37.69 -7.84
N HIS C 223 18.76 -37.91 -6.67
CA HIS C 223 20.18 -37.74 -6.43
C HIS C 223 20.99 -38.70 -7.28
N ALA C 224 20.61 -39.98 -7.26
CA ALA C 224 21.32 -41.00 -8.03
C ALA C 224 21.28 -40.70 -9.51
N TYR C 225 20.11 -40.26 -9.99
CA TYR C 225 19.93 -39.90 -11.39
C TYR C 225 20.85 -38.77 -11.79
N VAL C 226 20.85 -37.70 -11.00
CA VAL C 226 21.68 -36.54 -11.28
C VAL C 226 23.16 -36.92 -11.27
N ARG C 227 23.57 -37.69 -10.27
CA ARG C 227 24.95 -38.12 -10.18
C ARG C 227 25.39 -38.87 -11.42
N ALA C 228 24.59 -39.83 -11.85
CA ALA C 228 24.94 -40.66 -13.02
C ALA C 228 25.11 -39.81 -14.27
N LYS C 229 24.30 -38.77 -14.40
CA LYS C 229 24.33 -37.91 -15.57
C LYS C 229 25.51 -36.93 -15.54
N LEU C 230 25.83 -36.40 -14.36
CA LEU C 230 26.92 -35.45 -14.25
C LEU C 230 28.26 -36.13 -14.52
N MET C 231 28.32 -37.45 -14.37
CA MET C 231 29.53 -38.20 -14.66
C MET C 231 29.94 -38.12 -16.12
N ASN C 232 29.00 -37.71 -16.99
CA ASN C 232 29.33 -37.52 -18.39
C ASN C 232 30.12 -36.22 -18.56
N ALA C 233 29.85 -35.26 -17.68
CA ALA C 233 30.52 -33.97 -17.71
C ALA C 233 31.78 -33.98 -16.84
N TYR C 234 31.75 -34.77 -15.78
CA TYR C 234 32.86 -34.82 -14.85
C TYR C 234 33.31 -36.26 -14.57
N PRO C 235 33.77 -37.00 -15.59
CA PRO C 235 34.08 -38.42 -15.56
C PRO C 235 35.27 -38.74 -14.68
N SER C 236 36.06 -37.72 -14.36
CA SER C 236 37.26 -37.90 -13.55
C SER C 236 37.12 -37.32 -12.15
N TYR C 237 35.93 -36.82 -11.81
CA TYR C 237 35.77 -36.17 -10.51
C TYR C 237 34.66 -36.79 -9.67
N ILE C 238 33.62 -37.33 -10.30
CA ILE C 238 32.49 -37.85 -9.56
C ILE C 238 32.47 -39.37 -9.52
N SER C 239 32.44 -39.92 -8.30
CA SER C 239 32.40 -41.36 -8.09
C SER C 239 30.95 -41.85 -8.05
N PRO C 240 30.65 -42.96 -8.74
CA PRO C 240 29.33 -43.53 -8.95
C PRO C 240 28.64 -43.96 -7.65
N ILE C 241 29.42 -44.11 -6.60
CA ILE C 241 28.90 -44.53 -5.31
C ILE C 241 29.13 -43.50 -4.21
N GLY C 242 29.58 -42.31 -4.60
CA GLY C 242 29.99 -41.30 -3.62
C GLY C 242 29.06 -40.09 -3.58
N CYS C 243 29.51 -39.05 -2.89
CA CYS C 243 28.75 -37.82 -2.73
C CYS C 243 29.11 -36.85 -3.85
N LEU C 244 28.20 -35.93 -4.14
CA LEU C 244 28.48 -34.90 -5.13
C LEU C 244 29.33 -33.81 -4.47
N PRO C 245 30.39 -33.35 -5.14
CA PRO C 245 31.17 -32.18 -4.77
C PRO C 245 30.28 -30.95 -4.73
N ALA C 246 30.39 -30.18 -3.65
CA ALA C 246 29.53 -29.03 -3.42
C ALA C 246 29.61 -27.99 -4.54
N HIS C 247 30.79 -27.79 -5.09
CA HIS C 247 30.99 -26.72 -6.06
C HIS C 247 30.42 -27.02 -7.43
N LEU C 248 29.94 -28.25 -7.63
CA LEU C 248 29.40 -28.66 -8.92
C LEU C 248 27.88 -28.73 -8.91
N LEU C 249 27.25 -28.15 -7.88
CA LEU C 249 25.80 -28.25 -7.73
C LEU C 249 25.01 -27.12 -8.39
N GLY C 250 25.69 -26.29 -9.18
CA GLY C 250 24.99 -25.24 -9.95
C GLY C 250 24.92 -23.89 -9.24
N ASP C 251 25.46 -23.81 -8.02
CA ASP C 251 25.44 -22.56 -7.28
C ASP C 251 26.58 -22.53 -6.26
N MET C 252 26.69 -21.42 -5.54
CA MET C 252 27.74 -21.22 -4.55
C MET C 252 27.55 -22.09 -3.31
N TRP C 253 26.29 -22.38 -2.97
CA TRP C 253 26.00 -23.16 -1.77
C TRP C 253 25.28 -24.47 -2.09
N GLY C 254 24.71 -24.55 -3.29
CA GLY C 254 23.95 -25.73 -3.68
C GLY C 254 22.54 -25.73 -3.10
N ARG C 255 22.01 -24.53 -2.86
CA ARG C 255 20.66 -24.39 -2.32
C ARG C 255 19.62 -24.99 -3.26
N PHE C 256 19.82 -24.79 -4.56
CA PHE C 256 18.91 -25.31 -5.58
C PHE C 256 19.68 -26.10 -6.62
N TRP C 257 19.04 -27.05 -7.27
CA TRP C 257 19.71 -27.85 -8.30
C TRP C 257 19.31 -27.42 -9.71
N THR C 258 18.96 -26.14 -9.84
CA THR C 258 18.75 -25.53 -11.12
C THR C 258 20.06 -24.99 -11.63
N ASN C 259 20.05 -24.49 -12.86
CA ASN C 259 21.26 -24.09 -13.55
C ASN C 259 22.07 -25.32 -13.90
N LEU C 260 21.51 -26.49 -13.61
CA LEU C 260 22.05 -27.76 -14.09
C LEU C 260 21.08 -28.42 -15.08
N TYR C 261 20.01 -27.72 -15.44
CA TYR C 261 19.00 -28.31 -16.29
C TYR C 261 19.57 -28.62 -17.67
N SER C 262 20.69 -27.98 -18.01
CA SER C 262 21.35 -28.18 -19.28
C SER C 262 22.21 -29.44 -19.26
N LEU C 263 22.43 -29.99 -18.07
CA LEU C 263 23.24 -31.19 -17.90
C LEU C 263 22.39 -32.45 -17.77
N THR C 264 21.17 -32.31 -17.26
CA THR C 264 20.30 -33.47 -17.08
C THR C 264 18.95 -33.31 -17.77
N VAL C 265 18.91 -33.61 -19.05
CA VAL C 265 17.67 -33.45 -19.78
C VAL C 265 17.15 -34.83 -20.21
N PRO C 266 15.98 -35.26 -19.71
CA PRO C 266 15.27 -36.48 -20.06
C PRO C 266 15.18 -36.68 -21.56
N PHE C 267 14.59 -35.73 -22.26
CA PHE C 267 14.47 -35.86 -23.72
C PHE C 267 14.94 -34.58 -24.41
N GLY C 268 16.24 -34.48 -24.61
CA GLY C 268 16.87 -33.26 -25.11
C GLY C 268 16.47 -32.94 -26.55
N GLN C 269 15.86 -33.91 -27.24
CA GLN C 269 15.44 -33.72 -28.61
C GLN C 269 14.11 -32.95 -28.71
N LYS C 270 13.44 -32.77 -27.58
CA LYS C 270 12.16 -32.07 -27.56
C LYS C 270 12.33 -30.70 -26.91
N PRO C 271 11.62 -29.69 -27.40
CA PRO C 271 11.56 -28.34 -26.86
C PRO C 271 10.73 -28.32 -25.59
N ASN C 272 11.01 -27.38 -24.71
CA ASN C 272 10.20 -27.18 -23.52
C ASN C 272 9.10 -26.18 -23.85
N ILE C 273 8.25 -25.89 -22.87
CA ILE C 273 7.20 -24.90 -23.10
C ILE C 273 7.77 -23.51 -22.92
N ASP C 274 7.69 -22.72 -23.99
CA ASP C 274 8.19 -21.35 -23.96
C ASP C 274 7.34 -20.49 -24.86
N VAL C 275 6.65 -19.52 -24.26
CA VAL C 275 5.72 -18.68 -24.99
C VAL C 275 6.25 -17.26 -25.15
N THR C 276 7.55 -17.08 -24.93
CA THR C 276 8.14 -15.75 -25.06
C THR C 276 7.88 -15.19 -26.44
N ASP C 277 8.10 -16.02 -27.46
CA ASP C 277 7.92 -15.59 -28.84
C ASP C 277 6.47 -15.27 -29.14
N ALA C 278 5.55 -16.04 -28.54
CA ALA C 278 4.12 -15.81 -28.75
C ALA C 278 3.71 -14.47 -28.17
N MET C 279 4.24 -14.16 -26.99
CA MET C 279 3.94 -12.91 -26.31
C MET C 279 4.44 -11.71 -27.12
N VAL C 280 5.64 -11.84 -27.68
CA VAL C 280 6.22 -10.76 -28.47
C VAL C 280 5.48 -10.57 -29.79
N ASP C 281 5.19 -11.66 -30.49
CA ASP C 281 4.52 -11.60 -31.78
C ASP C 281 3.13 -10.99 -31.65
N GLN C 282 2.48 -11.23 -30.51
CA GLN C 282 1.14 -10.72 -30.26
C GLN C 282 1.16 -9.30 -29.68
N ALA C 283 2.34 -8.69 -29.64
CA ALA C 283 2.51 -7.32 -29.16
C ALA C 283 2.09 -7.15 -27.71
N TRP C 284 2.59 -8.03 -26.84
CA TRP C 284 2.35 -7.89 -25.42
C TRP C 284 3.24 -6.81 -24.80
N ASP C 285 2.79 -6.27 -23.67
CA ASP C 285 3.56 -5.31 -22.89
C ASP C 285 3.33 -5.56 -21.40
N ALA C 286 3.90 -4.71 -20.56
CA ALA C 286 3.78 -4.90 -19.12
C ALA C 286 2.33 -4.87 -18.67
N GLN C 287 1.54 -4.00 -19.28
CA GLN C 287 0.14 -3.84 -18.89
C GLN C 287 -0.66 -5.09 -19.22
N ARG C 288 -0.37 -5.69 -20.38
CA ARG C 288 -1.05 -6.91 -20.79
C ARG C 288 -0.73 -8.07 -19.86
N ILE C 289 0.52 -8.14 -19.42
CA ILE C 289 0.95 -9.23 -18.54
C ILE C 289 0.20 -9.20 -17.22
N PHE C 290 0.08 -8.01 -16.63
CA PHE C 290 -0.60 -7.89 -15.36
C PHE C 290 -2.12 -7.99 -15.59
N LYS C 291 -2.59 -7.51 -16.74
CA LYS C 291 -4.01 -7.64 -17.04
C LYS C 291 -4.46 -9.10 -17.13
N GLU C 292 -3.66 -9.93 -17.80
CA GLU C 292 -3.98 -11.34 -17.86
C GLU C 292 -3.94 -12.06 -16.52
N ALA C 293 -3.00 -11.68 -15.67
CA ALA C 293 -2.92 -12.25 -14.34
C ALA C 293 -4.16 -11.88 -13.52
N GLU C 294 -4.66 -10.66 -13.69
CA GLU C 294 -5.86 -10.24 -12.97
C GLU C 294 -7.04 -11.11 -13.36
N LYS C 295 -7.21 -11.38 -14.66
CA LYS C 295 -8.31 -12.20 -15.14
C LYS C 295 -8.29 -13.59 -14.52
N PHE C 296 -7.11 -14.15 -14.33
CA PHE C 296 -6.97 -15.45 -13.71
C PHE C 296 -7.60 -15.49 -12.33
N PHE C 297 -7.24 -14.52 -11.49
CA PHE C 297 -7.76 -14.46 -10.13
C PHE C 297 -9.27 -14.23 -10.13
N VAL C 298 -9.74 -13.40 -11.05
CA VAL C 298 -11.16 -13.10 -11.14
C VAL C 298 -11.97 -14.34 -11.50
N SER C 299 -11.42 -15.20 -12.36
CA SER C 299 -12.13 -16.37 -12.83
C SER C 299 -12.46 -17.34 -11.69
N VAL C 300 -11.82 -17.16 -10.53
CA VAL C 300 -12.10 -18.04 -9.40
C VAL C 300 -12.79 -17.29 -8.26
N GLY C 301 -13.28 -16.08 -8.53
CA GLY C 301 -14.08 -15.35 -7.56
C GLY C 301 -13.32 -14.34 -6.70
N LEU C 302 -12.09 -14.00 -7.08
CA LEU C 302 -11.34 -13.00 -6.31
C LEU C 302 -11.56 -11.61 -6.90
N PRO C 303 -11.54 -10.53 -6.06
CA PRO C 303 -11.89 -9.18 -6.53
C PRO C 303 -10.88 -8.33 -7.32
N ASN C 304 -10.55 -8.71 -8.56
CA ASN C 304 -9.70 -7.85 -9.42
C ASN C 304 -8.54 -7.20 -8.66
N MET C 305 -8.08 -6.03 -9.13
CA MET C 305 -7.02 -5.27 -8.43
C MET C 305 -7.63 -3.91 -8.09
N THR C 306 -7.27 -3.32 -6.94
CA THR C 306 -7.93 -2.09 -6.50
C THR C 306 -7.96 -1.01 -7.56
N GLN C 307 -8.83 -0.03 -7.35
CA GLN C 307 -9.03 1.02 -8.35
C GLN C 307 -7.76 1.81 -8.62
N GLY C 308 -7.01 2.12 -7.56
CA GLY C 308 -5.79 2.90 -7.70
C GLY C 308 -4.55 2.09 -7.99
N PHE C 309 -4.70 0.78 -8.08
CA PHE C 309 -3.55 -0.10 -8.27
C PHE C 309 -2.78 0.28 -9.52
N TRP C 310 -3.51 0.48 -10.60
CA TRP C 310 -2.92 0.71 -11.91
C TRP C 310 -2.33 2.10 -12.04
N GLU C 311 -2.60 2.96 -11.05
CA GLU C 311 -2.14 4.34 -11.11
C GLU C 311 -0.92 4.56 -10.23
N ASN C 312 -0.86 3.87 -9.10
CA ASN C 312 0.21 4.09 -8.13
C ASN C 312 1.36 3.10 -8.27
N SER C 313 1.09 1.94 -8.88
CA SER C 313 2.13 0.92 -9.01
C SER C 313 3.14 1.29 -10.08
N MET C 314 4.31 0.67 -10.00
CA MET C 314 5.34 0.85 -11.02
C MET C 314 5.56 -0.50 -11.69
N LEU C 315 4.96 -0.68 -12.86
CA LEU C 315 4.95 -1.98 -13.52
C LEU C 315 5.99 -2.03 -14.62
N THR C 316 6.60 -0.87 -14.90
CA THR C 316 7.58 -0.74 -15.97
C THR C 316 8.86 -0.08 -15.48
N ASP C 317 9.94 -0.28 -16.22
CA ASP C 317 11.19 0.40 -15.93
C ASP C 317 11.01 1.90 -16.13
N PRO C 318 11.27 2.71 -15.10
CA PRO C 318 11.01 4.15 -15.05
C PRO C 318 11.85 4.92 -16.05
N GLY C 319 12.89 4.29 -16.59
CA GLY C 319 13.76 4.93 -17.56
C GLY C 319 15.14 5.20 -16.99
N ASN C 320 15.98 5.87 -17.78
CA ASN C 320 17.35 6.14 -17.38
C ASN C 320 17.49 7.54 -16.78
N VAL C 321 16.35 8.15 -16.49
CA VAL C 321 16.31 9.49 -15.91
C VAL C 321 16.57 9.45 -14.41
N GLN C 322 16.16 8.36 -13.76
CA GLN C 322 16.32 8.22 -12.33
C GLN C 322 16.71 6.79 -11.97
N LYS C 323 17.53 6.65 -10.95
CA LYS C 323 17.90 5.32 -10.47
C LYS C 323 16.78 4.76 -9.63
N ALA C 324 16.52 3.46 -9.79
CA ALA C 324 15.44 2.82 -9.05
C ALA C 324 15.70 1.34 -8.88
N VAL C 325 15.04 0.76 -7.88
CA VAL C 325 15.06 -0.67 -7.64
C VAL C 325 13.97 -1.34 -8.47
N CYS C 326 14.33 -2.37 -9.25
CA CYS C 326 13.41 -3.13 -10.07
C CYS C 326 13.20 -4.55 -9.54
N HIS C 327 13.70 -4.80 -8.32
CA HIS C 327 13.54 -6.10 -7.70
C HIS C 327 12.06 -6.31 -7.36
N PRO C 328 11.43 -7.37 -7.87
CA PRO C 328 10.00 -7.63 -7.84
C PRO C 328 9.51 -7.82 -6.41
N THR C 329 8.47 -7.08 -6.06
CA THR C 329 7.90 -7.21 -4.72
C THR C 329 6.50 -6.62 -4.63
N ALA C 330 5.67 -7.20 -3.76
CA ALA C 330 4.34 -6.67 -3.50
C ALA C 330 4.36 -5.77 -2.27
N TRP C 331 3.72 -4.62 -2.37
CA TRP C 331 3.68 -3.67 -1.27
C TRP C 331 2.28 -3.48 -0.71
N ASP C 332 2.21 -3.32 0.61
CA ASP C 332 1.00 -2.90 1.28
C ASP C 332 1.37 -1.81 2.27
N LEU C 333 1.01 -0.58 1.94
CA LEU C 333 1.46 0.56 2.72
C LEU C 333 0.49 0.83 3.87
N GLY C 334 -0.62 0.10 3.87
CA GLY C 334 -1.67 0.32 4.86
C GLY C 334 -2.77 1.22 4.31
N LYS C 335 -3.90 1.23 4.99
CA LYS C 335 -5.03 2.07 4.64
C LYS C 335 -5.48 1.89 3.19
N GLY C 336 -5.49 0.65 2.72
CA GLY C 336 -6.07 0.33 1.42
C GLY C 336 -5.14 0.66 0.26
N ASP C 337 -3.92 1.09 0.55
CA ASP C 337 -2.98 1.47 -0.50
C ASP C 337 -2.10 0.29 -0.91
N PHE C 338 -2.51 -0.41 -1.96
CA PHE C 338 -1.81 -1.60 -2.44
C PHE C 338 -1.06 -1.30 -3.72
N ARG C 339 0.17 -1.77 -3.82
CA ARG C 339 0.98 -1.52 -5.01
C ARG C 339 1.88 -2.70 -5.34
N ILE C 340 2.26 -2.81 -6.61
CA ILE C 340 3.31 -3.74 -7.00
C ILE C 340 4.47 -2.99 -7.63
N LEU C 341 5.67 -3.35 -7.20
CA LEU C 341 6.87 -2.73 -7.70
C LEU C 341 7.67 -3.74 -8.52
N MET C 342 7.68 -3.56 -9.83
CA MET C 342 8.38 -4.49 -10.72
C MET C 342 8.58 -3.87 -12.09
N CYS C 343 9.72 -4.16 -12.71
CA CYS C 343 10.02 -3.70 -14.08
C CYS C 343 9.97 -4.90 -15.03
N THR C 344 8.79 -5.15 -15.61
CA THR C 344 8.62 -6.37 -16.39
C THR C 344 9.01 -6.14 -17.84
N LYS C 345 9.24 -7.24 -18.55
CA LYS C 345 9.47 -7.26 -19.98
C LYS C 345 8.70 -8.44 -20.55
N VAL C 346 8.57 -8.50 -21.86
CA VAL C 346 7.80 -9.57 -22.47
C VAL C 346 8.52 -10.92 -22.52
N THR C 347 8.37 -11.67 -21.43
CA THR C 347 9.03 -12.96 -21.30
C THR C 347 8.27 -13.87 -20.33
N MET C 348 8.50 -15.18 -20.42
CA MET C 348 7.79 -16.14 -19.59
C MET C 348 8.09 -15.98 -18.10
N ASP C 349 9.30 -15.55 -17.77
CA ASP C 349 9.66 -15.41 -16.37
C ASP C 349 8.81 -14.37 -15.68
N ASP C 350 8.57 -13.24 -16.36
CA ASP C 350 7.76 -12.18 -15.78
C ASP C 350 6.28 -12.50 -15.88
N PHE C 351 5.91 -13.26 -16.90
CA PHE C 351 4.53 -13.69 -17.03
C PHE C 351 4.11 -14.44 -15.77
N LEU C 352 4.93 -15.41 -15.37
CA LEU C 352 4.62 -16.21 -14.19
C LEU C 352 4.79 -15.41 -12.91
N THR C 353 5.79 -14.54 -12.85
CA THR C 353 6.03 -13.75 -11.65
C THR C 353 4.86 -12.82 -11.37
N ALA C 354 4.28 -12.24 -12.42
CA ALA C 354 3.15 -11.35 -12.24
C ALA C 354 2.04 -12.03 -11.45
N HIS C 355 1.83 -13.32 -11.69
CA HIS C 355 0.82 -14.07 -10.96
C HIS C 355 1.25 -14.24 -9.50
N HIS C 356 2.54 -14.47 -9.29
CA HIS C 356 3.07 -14.66 -7.95
C HIS C 356 2.90 -13.41 -7.09
N GLU C 357 3.29 -12.26 -7.63
CA GLU C 357 3.24 -11.01 -6.86
C GLU C 357 1.81 -10.59 -6.60
N MET C 358 0.94 -10.84 -7.58
CA MET C 358 -0.47 -10.52 -7.39
C MET C 358 -1.11 -11.49 -6.41
N GLY C 359 -0.56 -12.71 -6.33
CA GLY C 359 -1.03 -13.69 -5.35
C GLY C 359 -0.82 -13.14 -3.94
N HIS C 360 0.30 -12.45 -3.73
CA HIS C 360 0.61 -11.82 -2.41
C HIS C 360 -0.37 -10.66 -2.16
N ILE C 361 -0.75 -9.90 -3.18
CA ILE C 361 -1.72 -8.82 -3.00
C ILE C 361 -3.10 -9.37 -2.67
N GLN C 362 -3.49 -10.44 -3.35
CA GLN C 362 -4.81 -11.03 -3.09
C GLN C 362 -4.92 -11.50 -1.65
N TYR C 363 -3.80 -11.91 -1.06
CA TYR C 363 -3.80 -12.27 0.39
C TYR C 363 -3.97 -10.97 1.18
N ASP C 364 -3.01 -10.05 1.05
CA ASP C 364 -3.02 -8.75 1.80
C ASP C 364 -4.38 -8.05 1.67
N MET C 365 -5.15 -8.33 0.63
CA MET C 365 -6.48 -7.74 0.55
C MET C 365 -7.52 -8.52 1.36
N ALA C 366 -7.18 -9.76 1.72
CA ALA C 366 -8.14 -10.62 2.40
C ALA C 366 -8.16 -10.36 3.90
N TYR C 367 -6.96 -10.17 4.47
CA TYR C 367 -6.84 -9.97 5.94
C TYR C 367 -6.72 -8.47 6.26
N ALA C 368 -7.08 -7.62 5.31
CA ALA C 368 -7.01 -6.17 5.50
C ALA C 368 -7.98 -5.71 6.59
N ALA C 369 -8.97 -6.55 6.89
CA ALA C 369 -9.99 -6.22 7.88
C ALA C 369 -9.51 -6.57 9.30
N GLN C 370 -8.33 -7.17 9.42
CA GLN C 370 -7.80 -7.54 10.72
C GLN C 370 -7.23 -6.32 11.44
N PRO C 371 -7.16 -6.36 12.78
CA PRO C 371 -6.43 -5.43 13.64
C PRO C 371 -4.99 -5.34 13.19
N PHE C 372 -4.38 -4.18 13.37
CA PHE C 372 -3.05 -3.91 12.84
C PHE C 372 -2.05 -5.03 13.11
N LEU C 373 -2.01 -5.51 14.34
CA LEU C 373 -1.00 -6.50 14.74
C LEU C 373 -1.30 -7.89 14.22
N LEU C 374 -2.49 -8.08 13.65
CA LEU C 374 -2.92 -9.38 13.14
C LEU C 374 -2.83 -9.46 11.63
N ARG C 375 -2.39 -8.37 11.00
CA ARG C 375 -2.34 -8.31 9.54
C ARG C 375 -1.10 -8.99 8.98
N ASN C 376 -1.10 -10.31 9.05
CA ASN C 376 0.02 -11.11 8.55
C ASN C 376 -0.47 -12.48 8.14
N GLY C 377 0.42 -13.33 7.66
CA GLY C 377 0.06 -14.69 7.30
C GLY C 377 -0.07 -15.51 8.58
N ALA C 378 -0.88 -16.58 8.55
CA ALA C 378 -1.07 -17.40 9.73
C ALA C 378 0.26 -17.93 10.23
N ASN C 379 1.18 -18.21 9.32
CA ASN C 379 2.52 -18.68 9.73
C ASN C 379 3.53 -18.08 8.75
N GLU C 380 4.80 -18.44 8.87
CA GLU C 380 5.84 -17.87 7.97
C GLU C 380 5.87 -18.64 6.65
N GLY C 381 4.84 -19.45 6.38
CA GLY C 381 4.78 -20.22 5.13
C GLY C 381 3.49 -19.94 4.37
N PHE C 382 2.48 -19.41 5.04
CA PHE C 382 1.15 -19.20 4.38
C PHE C 382 1.16 -17.96 3.50
N HIS C 383 2.32 -17.31 3.31
CA HIS C 383 2.36 -16.15 2.37
C HIS C 383 3.02 -16.58 1.06
N GLU C 384 4.18 -17.23 1.14
CA GLU C 384 4.88 -17.71 -0.09
C GLU C 384 4.09 -18.86 -0.72
N ALA C 385 3.52 -19.76 0.09
CA ALA C 385 2.67 -20.85 -0.45
C ALA C 385 1.46 -20.28 -1.17
N VAL C 386 0.76 -19.33 -0.55
CA VAL C 386 -0.48 -18.77 -1.15
C VAL C 386 -0.10 -17.94 -2.37
N GLY C 387 1.19 -17.79 -2.63
CA GLY C 387 1.63 -17.08 -3.84
C GLY C 387 2.24 -18.04 -4.82
N GLU C 388 2.93 -19.07 -4.31
CA GLU C 388 3.56 -20.06 -5.17
C GLU C 388 2.57 -20.93 -5.95
N ILE C 389 1.44 -21.27 -5.35
CA ILE C 389 0.46 -22.11 -6.05
C ILE C 389 -0.13 -21.40 -7.27
N MET C 390 0.08 -20.10 -7.37
CA MET C 390 -0.42 -19.34 -8.51
C MET C 390 0.46 -19.57 -9.74
N SER C 391 1.74 -19.86 -9.51
CA SER C 391 2.67 -20.09 -10.60
C SER C 391 2.52 -21.50 -11.14
N LEU C 392 2.15 -22.43 -10.25
CA LEU C 392 1.92 -23.80 -10.68
C LEU C 392 0.75 -23.84 -11.64
N SER C 393 -0.28 -23.04 -11.36
CA SER C 393 -1.45 -22.98 -12.22
C SER C 393 -1.17 -22.25 -13.53
N ALA C 394 -0.52 -21.09 -13.43
CA ALA C 394 -0.26 -20.27 -14.61
C ALA C 394 0.63 -20.99 -15.63
N ALA C 395 1.55 -21.81 -15.15
CA ALA C 395 2.50 -22.50 -16.01
C ALA C 395 1.91 -23.73 -16.71
N THR C 396 0.71 -24.14 -16.30
CA THR C 396 0.09 -25.33 -16.87
C THR C 396 -0.28 -25.08 -18.33
N PRO C 397 0.16 -25.94 -19.26
CA PRO C 397 0.06 -25.76 -20.69
C PRO C 397 -1.36 -25.61 -21.20
N LYS C 398 -2.34 -26.16 -20.48
CA LYS C 398 -3.71 -25.99 -20.96
C LYS C 398 -4.20 -24.57 -20.70
N HIS C 399 -3.60 -23.91 -19.71
CA HIS C 399 -3.93 -22.52 -19.43
C HIS C 399 -3.36 -21.65 -20.53
N LEU C 400 -2.11 -21.96 -20.91
CA LEU C 400 -1.44 -21.21 -21.95
C LEU C 400 -2.15 -21.37 -23.29
N LYS C 401 -2.71 -22.56 -23.53
CA LYS C 401 -3.51 -22.76 -24.74
C LYS C 401 -4.79 -21.93 -24.67
N SER C 402 -5.44 -21.93 -23.50
CA SER C 402 -6.69 -21.22 -23.31
C SER C 402 -6.56 -19.71 -23.50
N ILE C 403 -5.41 -19.15 -23.12
CA ILE C 403 -5.22 -17.70 -23.24
C ILE C 403 -4.54 -17.32 -24.56
N GLY C 404 -4.35 -18.29 -25.44
CA GLY C 404 -3.87 -18.02 -26.80
C GLY C 404 -2.36 -17.92 -26.97
N LEU C 405 -1.58 -18.43 -26.03
CA LEU C 405 -0.13 -18.38 -26.21
C LEU C 405 0.43 -19.66 -26.82
N LEU C 406 -0.25 -20.77 -26.59
CA LEU C 406 0.14 -22.03 -27.25
C LEU C 406 -0.85 -22.37 -28.34
N SER C 407 -0.35 -22.99 -29.40
CA SER C 407 -1.21 -23.41 -30.50
C SER C 407 -2.35 -24.28 -29.99
N PRO C 408 -3.57 -24.07 -30.48
CA PRO C 408 -4.78 -24.76 -30.08
C PRO C 408 -4.70 -26.26 -30.37
N ASP C 409 -3.83 -26.61 -31.31
CA ASP C 409 -3.64 -28.00 -31.70
C ASP C 409 -2.40 -28.60 -31.04
N PHE C 410 -1.80 -27.86 -30.10
CA PHE C 410 -0.60 -28.32 -29.41
C PHE C 410 -0.88 -29.58 -28.60
N GLN C 411 -0.02 -30.58 -28.76
CA GLN C 411 -0.18 -31.83 -28.04
C GLN C 411 0.85 -31.97 -26.94
N GLU C 412 0.41 -32.42 -25.77
CA GLU C 412 1.31 -32.67 -24.66
C GLU C 412 1.50 -34.16 -24.48
N ASP C 413 2.70 -34.64 -24.80
CA ASP C 413 3.00 -36.07 -24.72
C ASP C 413 3.79 -36.42 -23.47
N ASN C 414 4.13 -37.70 -23.31
CA ASN C 414 4.79 -38.16 -22.10
C ASN C 414 6.20 -37.61 -21.94
N GLU C 415 6.87 -37.35 -23.07
CA GLU C 415 8.22 -36.81 -23.01
C GLU C 415 8.20 -35.38 -22.49
N THR C 416 7.19 -34.62 -22.89
CA THR C 416 7.01 -33.25 -22.43
C THR C 416 6.76 -33.22 -20.93
N GLU C 417 5.91 -34.14 -20.46
CA GLU C 417 5.57 -34.20 -19.04
C GLU C 417 6.79 -34.47 -18.16
N ILE C 418 7.67 -35.36 -18.60
CA ILE C 418 8.87 -35.66 -17.83
C ILE C 418 9.82 -34.46 -17.77
N ASN C 419 10.01 -33.78 -18.89
CA ASN C 419 10.87 -32.59 -18.87
C ASN C 419 10.35 -31.57 -17.88
N PHE C 420 9.03 -31.39 -17.85
CA PHE C 420 8.39 -30.46 -16.93
C PHE C 420 8.63 -30.84 -15.48
N LEU C 421 8.34 -32.09 -15.14
CA LEU C 421 8.44 -32.54 -13.75
C LEU C 421 9.86 -32.48 -13.21
N LEU C 422 10.84 -32.84 -14.03
CA LEU C 422 12.21 -32.84 -13.54
C LEU C 422 12.67 -31.42 -13.23
N LYS C 423 12.38 -30.47 -14.13
CA LYS C 423 12.78 -29.10 -13.87
C LYS C 423 12.20 -28.62 -12.54
N GLN C 424 10.98 -29.05 -12.26
CA GLN C 424 10.31 -28.70 -11.01
C GLN C 424 10.96 -29.40 -9.81
N ALA C 425 11.32 -30.67 -9.98
CA ALA C 425 11.93 -31.45 -8.91
C ALA C 425 13.28 -30.90 -8.49
N LEU C 426 14.05 -30.41 -9.46
CA LEU C 426 15.37 -29.86 -9.16
C LEU C 426 15.27 -28.62 -8.27
N THR C 427 14.22 -27.85 -8.44
CA THR C 427 13.97 -26.66 -7.65
C THR C 427 13.31 -26.97 -6.30
N ILE C 428 12.31 -27.83 -6.34
CA ILE C 428 11.44 -28.08 -5.21
C ILE C 428 11.89 -29.20 -4.28
N VAL C 429 12.32 -30.32 -4.85
CA VAL C 429 12.68 -31.47 -4.03
C VAL C 429 14.15 -31.44 -3.62
N GLY C 430 15.02 -31.08 -4.56
CA GLY C 430 16.46 -31.07 -4.31
C GLY C 430 16.88 -30.00 -3.32
N THR C 431 15.95 -29.14 -2.93
CA THR C 431 16.25 -28.06 -1.98
C THR C 431 15.86 -28.39 -0.56
N LEU C 432 14.98 -29.37 -0.36
CA LEU C 432 14.45 -29.62 0.97
C LEU C 432 15.52 -30.09 1.97
N PRO C 433 16.44 -30.99 1.60
CA PRO C 433 17.51 -31.49 2.43
C PRO C 433 18.50 -30.41 2.82
N PHE C 434 18.57 -29.34 2.04
CA PHE C 434 19.46 -28.23 2.35
C PHE C 434 18.87 -27.39 3.46
N THR C 435 17.60 -27.05 3.32
CA THR C 435 16.93 -26.23 4.31
C THR C 435 16.89 -26.97 5.64
N TYR C 436 16.52 -28.24 5.59
CA TYR C 436 16.46 -29.09 6.76
C TYR C 436 17.81 -29.21 7.45
N MET C 437 18.85 -29.52 6.67
CA MET C 437 20.19 -29.72 7.21
C MET C 437 20.72 -28.45 7.89
N LEU C 438 20.54 -27.30 7.25
CA LEU C 438 21.06 -26.06 7.79
C LEU C 438 20.40 -25.68 9.11
N GLU C 439 19.08 -25.76 9.17
CA GLU C 439 18.37 -25.40 10.39
C GLU C 439 18.70 -26.35 11.52
N LYS C 440 18.84 -27.63 11.20
CA LYS C 440 19.19 -28.61 12.21
C LYS C 440 20.54 -28.25 12.85
N TRP C 441 21.52 -27.86 12.03
CA TRP C 441 22.86 -27.48 12.53
C TRP C 441 22.74 -26.24 13.41
N ARG C 442 22.02 -25.22 12.93
CA ARG C 442 21.94 -23.97 13.69
C ARG C 442 21.27 -24.21 15.04
N TRP C 443 20.23 -25.04 15.07
CA TRP C 443 19.54 -25.34 16.30
C TRP C 443 20.46 -26.00 17.31
N MET C 444 21.26 -26.97 16.87
CA MET C 444 22.18 -27.64 17.77
C MET C 444 23.21 -26.66 18.34
N VAL C 445 23.71 -25.76 17.48
CA VAL C 445 24.78 -24.81 17.92
C VAL C 445 24.19 -23.78 18.89
N PHE C 446 22.92 -23.40 18.73
CA PHE C 446 22.30 -22.46 19.70
C PHE C 446 22.02 -23.22 21.01
N LYS C 447 21.41 -24.40 20.93
CA LYS C 447 21.09 -25.17 22.13
C LYS C 447 22.33 -25.39 22.97
N GLY C 448 23.48 -25.55 22.31
CA GLY C 448 24.74 -25.75 23.01
C GLY C 448 25.15 -27.21 23.02
N GLU C 449 24.67 -27.98 22.05
CA GLU C 449 25.02 -29.39 21.95
C GLU C 449 26.38 -29.56 21.29
N ILE C 450 26.84 -28.51 20.62
CA ILE C 450 28.08 -28.56 19.88
C ILE C 450 29.05 -27.46 20.36
N PRO C 451 30.25 -27.85 20.83
CA PRO C 451 31.36 -26.97 21.19
C PRO C 451 31.78 -26.11 20.02
N LYS C 452 32.31 -24.91 20.31
CA LYS C 452 32.72 -23.97 19.27
C LYS C 452 33.72 -24.59 18.29
N ASP C 453 34.62 -25.41 18.79
CA ASP C 453 35.65 -26.01 17.96
C ASP C 453 35.18 -27.23 17.18
N GLN C 454 33.94 -27.65 17.44
CA GLN C 454 33.42 -28.86 16.84
C GLN C 454 32.35 -28.63 15.77
N TRP C 455 31.91 -27.37 15.63
CA TRP C 455 30.77 -27.09 14.72
C TRP C 455 31.09 -27.34 13.24
N MET C 456 32.24 -26.90 12.71
CA MET C 456 32.48 -27.12 11.25
C MET C 456 32.61 -28.63 11.01
N LYS C 457 33.21 -29.35 11.95
CA LYS C 457 33.29 -30.81 11.81
C LYS C 457 31.86 -31.35 11.65
N LYS C 458 30.93 -30.88 12.49
CA LYS C 458 29.54 -31.40 12.45
C LYS C 458 28.80 -30.87 11.21
N TRP C 459 29.15 -29.68 10.72
CA TRP C 459 28.53 -29.13 9.49
C TRP C 459 28.75 -30.11 8.33
N TRP C 460 30.01 -30.46 8.05
CA TRP C 460 30.33 -31.35 6.92
C TRP C 460 29.77 -32.75 7.17
N GLU C 461 29.89 -33.25 8.39
CA GLU C 461 29.43 -34.64 8.65
C GLU C 461 27.92 -34.74 8.42
N MET C 462 27.15 -33.71 8.78
CA MET C 462 25.68 -33.86 8.64
C MET C 462 25.28 -33.60 7.20
N LYS C 463 26.07 -32.81 6.46
CA LYS C 463 25.80 -32.62 5.01
C LYS C 463 26.05 -33.95 4.30
N ARG C 464 27.19 -34.57 4.57
CA ARG C 464 27.54 -35.87 3.96
C ARG C 464 26.76 -36.99 4.66
N GLU C 465 25.45 -36.82 4.87
CA GLU C 465 24.61 -37.89 5.46
C GLU C 465 23.14 -37.53 5.20
N ILE C 466 22.80 -36.26 5.33
CA ILE C 466 21.47 -35.73 5.06
C ILE C 466 21.29 -35.38 3.58
N VAL C 467 22.27 -34.69 3.02
CA VAL C 467 22.16 -34.17 1.66
C VAL C 467 22.92 -35.06 0.67
N GLY C 468 24.07 -35.58 1.08
CA GLY C 468 24.88 -36.41 0.19
C GLY C 468 25.85 -35.57 -0.63
N VAL C 469 26.27 -34.44 -0.08
CA VAL C 469 27.28 -33.58 -0.76
C VAL C 469 28.63 -33.87 -0.11
N VAL C 470 29.68 -33.11 -0.43
CA VAL C 470 31.02 -33.45 0.10
C VAL C 470 31.86 -32.18 0.14
N GLU C 471 32.89 -32.15 0.98
CA GLU C 471 33.79 -30.97 1.08
C GLU C 471 34.72 -30.99 -0.14
N PRO C 472 34.55 -30.09 -1.11
CA PRO C 472 35.44 -30.04 -2.25
C PRO C 472 36.89 -30.07 -1.75
N VAL C 473 37.14 -29.50 -0.56
CA VAL C 473 38.51 -29.49 0.05
C VAL C 473 38.36 -29.42 1.57
N PRO C 474 39.40 -29.66 2.39
CA PRO C 474 39.24 -29.69 3.84
C PRO C 474 39.20 -28.31 4.52
N HIS C 475 38.01 -27.89 4.98
CA HIS C 475 37.87 -26.60 5.72
C HIS C 475 37.97 -26.91 7.22
N ASP C 476 38.81 -26.18 7.96
CA ASP C 476 39.05 -26.49 9.40
C ASP C 476 38.17 -25.61 10.30
N GLU C 477 38.77 -24.97 11.31
CA GLU C 477 37.99 -24.17 12.30
C GLU C 477 38.10 -22.67 12.01
N THR C 478 39.27 -22.16 11.66
CA THR C 478 39.34 -20.72 11.30
C THR C 478 38.20 -20.40 10.34
N TYR C 479 37.43 -21.40 9.92
CA TYR C 479 36.36 -21.19 8.96
C TYR C 479 34.98 -21.19 9.60
N CYS C 480 34.01 -20.61 8.90
CA CYS C 480 32.60 -20.66 9.35
C CYS C 480 31.72 -20.64 8.11
N ASP C 481 31.91 -21.61 7.20
CA ASP C 481 31.17 -21.64 5.91
C ASP C 481 29.71 -21.26 6.11
N PRO C 482 28.98 -21.82 7.10
CA PRO C 482 27.56 -21.52 7.25
C PRO C 482 27.26 -20.02 7.30
N ALA C 483 28.26 -19.18 7.59
CA ALA C 483 28.11 -17.74 7.72
C ALA C 483 28.31 -17.05 6.37
N SER C 484 28.76 -17.79 5.37
CA SER C 484 28.98 -17.22 4.06
C SER C 484 27.66 -17.07 3.32
N LEU C 485 26.60 -17.67 3.88
CA LEU C 485 25.26 -17.62 3.29
C LEU C 485 24.51 -16.40 3.81
N PHE C 486 23.72 -15.77 2.96
CA PHE C 486 23.02 -14.54 3.33
C PHE C 486 22.20 -14.67 4.60
N HIS C 487 21.39 -15.71 4.68
CA HIS C 487 20.45 -15.85 5.79
C HIS C 487 21.13 -16.08 7.13
N VAL C 488 22.31 -16.70 7.10
CA VAL C 488 23.03 -17.03 8.36
C VAL C 488 23.68 -15.77 8.92
N SER C 489 24.33 -14.97 8.08
CA SER C 489 25.03 -13.78 8.54
C SER C 489 24.12 -12.60 8.82
N ASN C 490 22.94 -12.58 8.19
CA ASN C 490 22.01 -11.47 8.35
C ASN C 490 20.85 -11.77 9.30
N ASP C 491 21.01 -12.81 10.12
CA ASP C 491 20.03 -13.13 11.16
C ASP C 491 18.63 -13.45 10.65
N TYR C 492 18.51 -14.41 9.74
CA TYR C 492 17.21 -14.88 9.28
C TYR C 492 16.95 -16.32 9.67
N SER C 493 15.67 -16.66 9.80
CA SER C 493 15.23 -18.04 10.04
C SER C 493 14.99 -18.74 8.71
N PHE C 494 15.70 -19.84 8.48
CA PHE C 494 15.67 -20.51 7.18
C PHE C 494 14.61 -21.61 7.10
N ILE C 495 14.03 -21.98 8.24
CA ILE C 495 13.08 -23.10 8.28
C ILE C 495 11.83 -22.82 7.49
N ARG C 496 11.53 -21.55 7.27
CA ARG C 496 10.34 -21.15 6.55
C ARG C 496 10.34 -21.66 5.11
N TYR C 497 11.50 -22.05 4.61
CA TYR C 497 11.59 -22.55 3.25
C TYR C 497 11.27 -24.04 3.18
N TYR C 498 11.22 -24.69 4.34
CA TYR C 498 10.86 -26.10 4.41
C TYR C 498 9.37 -26.22 4.69
N THR C 499 8.90 -25.40 5.63
CA THR C 499 7.50 -25.41 6.03
C THR C 499 6.70 -24.50 5.12
N ARG C 500 7.03 -24.53 3.84
CA ARG C 500 6.34 -23.76 2.81
C ARG C 500 6.00 -24.67 1.66
N THR C 501 7.03 -25.32 1.12
CA THR C 501 6.86 -26.21 -0.01
C THR C 501 5.85 -27.29 0.29
N LEU C 502 5.90 -27.81 1.51
CA LEU C 502 5.00 -28.87 1.90
C LEU C 502 3.56 -28.36 1.92
N TYR C 503 3.38 -27.11 2.32
CA TYR C 503 2.06 -26.50 2.36
C TYR C 503 1.58 -26.16 0.96
N GLN C 504 2.51 -25.78 0.10
CA GLN C 504 2.22 -25.41 -1.27
C GLN C 504 1.48 -26.53 -1.99
N PHE C 505 1.95 -27.77 -1.81
CA PHE C 505 1.33 -28.91 -2.46
C PHE C 505 0.03 -29.31 -1.80
N GLN C 506 -0.06 -29.16 -0.49
CA GLN C 506 -1.29 -29.50 0.21
C GLN C 506 -2.42 -28.62 -0.28
N PHE C 507 -2.14 -27.33 -0.46
CA PHE C 507 -3.17 -26.40 -0.91
C PHE C 507 -3.53 -26.68 -2.36
N GLN C 508 -2.52 -26.91 -3.21
CA GLN C 508 -2.80 -27.13 -4.63
C GLN C 508 -3.69 -28.34 -4.82
N GLU C 509 -3.37 -29.44 -4.15
CA GLU C 509 -4.15 -30.65 -4.31
C GLU C 509 -5.56 -30.50 -3.77
N ALA C 510 -5.69 -29.93 -2.57
CA ALA C 510 -7.01 -29.79 -1.97
C ALA C 510 -7.92 -28.90 -2.80
N LEU C 511 -7.35 -27.82 -3.34
CA LEU C 511 -8.14 -26.84 -4.10
C LEU C 511 -8.53 -27.31 -5.49
N CYS C 512 -7.58 -27.97 -6.20
CA CYS C 512 -7.88 -28.38 -7.58
C CYS C 512 -8.77 -29.63 -7.58
N GLN C 513 -8.80 -30.37 -6.48
CA GLN C 513 -9.77 -31.43 -6.32
C GLN C 513 -11.17 -30.85 -6.14
N ALA C 514 -11.26 -29.73 -5.42
CA ALA C 514 -12.53 -29.02 -5.26
C ALA C 514 -13.03 -28.53 -6.62
N ALA C 515 -12.10 -28.27 -7.53
CA ALA C 515 -12.41 -27.85 -8.89
C ALA C 515 -12.81 -29.03 -9.76
N LYS C 516 -12.83 -30.23 -9.17
CA LYS C 516 -13.23 -31.46 -9.84
C LYS C 516 -12.30 -31.87 -10.97
N HIS C 517 -11.00 -31.74 -10.75
CA HIS C 517 -10.03 -32.21 -11.72
C HIS C 517 -9.96 -33.73 -11.74
N GLU C 518 -9.91 -34.30 -12.93
CA GLU C 518 -9.74 -35.74 -13.09
C GLU C 518 -8.48 -36.05 -13.90
N GLY C 519 -7.46 -36.55 -13.22
CA GLY C 519 -6.18 -36.82 -13.87
C GLY C 519 -5.02 -36.57 -12.91
N PRO C 520 -3.79 -36.60 -13.42
CA PRO C 520 -2.53 -36.42 -12.72
C PRO C 520 -2.48 -35.08 -12.02
N LEU C 521 -1.85 -35.04 -10.84
CA LEU C 521 -1.78 -33.83 -10.04
C LEU C 521 -0.98 -32.72 -10.72
N HIS C 522 0.02 -33.08 -11.51
CA HIS C 522 0.87 -32.06 -12.11
C HIS C 522 0.17 -31.30 -13.24
N LYS C 523 -1.01 -31.77 -13.63
CA LYS C 523 -1.84 -31.07 -14.59
C LYS C 523 -3.10 -30.46 -13.93
N CYS C 524 -3.15 -30.49 -12.60
CA CYS C 524 -4.33 -30.14 -11.84
C CYS C 524 -4.38 -28.63 -11.62
N ASP C 525 -4.93 -27.93 -12.61
CA ASP C 525 -5.03 -26.47 -12.62
C ASP C 525 -6.26 -26.14 -11.79
N ILE C 526 -6.32 -24.91 -11.31
CA ILE C 526 -7.53 -24.39 -10.67
C ILE C 526 -7.85 -23.05 -11.35
N SER C 527 -8.84 -23.08 -12.22
CA SER C 527 -9.17 -21.94 -13.06
C SER C 527 -10.64 -22.19 -13.39
N ASN C 528 -11.43 -21.11 -13.51
CA ASN C 528 -12.86 -21.20 -13.79
C ASN C 528 -13.59 -22.10 -12.76
N SER C 529 -13.13 -21.98 -11.49
CA SER C 529 -13.66 -22.77 -10.39
C SER C 529 -13.87 -21.93 -9.15
N THR C 530 -15.10 -21.47 -8.96
CA THR C 530 -15.40 -20.61 -7.82
C THR C 530 -15.49 -21.41 -6.54
N GLU C 531 -15.64 -22.73 -6.67
CA GLU C 531 -15.61 -23.61 -5.52
C GLU C 531 -14.21 -23.66 -4.91
N ALA C 532 -13.21 -23.81 -5.77
CA ALA C 532 -11.82 -23.83 -5.30
C ALA C 532 -11.43 -22.46 -4.78
N GLY C 533 -11.94 -21.42 -5.42
CA GLY C 533 -11.65 -20.05 -5.03
C GLY C 533 -12.12 -19.75 -3.61
N GLN C 534 -13.40 -20.02 -3.35
CA GLN C 534 -13.96 -19.76 -2.02
C GLN C 534 -13.27 -20.61 -0.96
N LYS C 535 -12.95 -21.84 -1.31
CA LYS C 535 -12.31 -22.74 -0.37
C LYS C 535 -11.02 -22.14 0.16
N LEU C 536 -10.19 -21.59 -0.73
CA LEU C 536 -8.95 -20.95 -0.29
C LEU C 536 -9.22 -19.67 0.48
N PHE C 537 -10.15 -18.86 -0.02
CA PHE C 537 -10.45 -17.57 0.59
C PHE C 537 -10.71 -17.71 2.08
N ASN C 538 -11.38 -18.79 2.46
CA ASN C 538 -11.78 -18.99 3.84
C ASN C 538 -10.61 -18.95 4.82
N MET C 539 -9.39 -19.23 4.37
CA MET C 539 -8.24 -19.15 5.27
C MET C 539 -7.32 -17.98 4.95
N LEU C 540 -7.73 -17.10 4.06
CA LEU C 540 -6.92 -15.93 3.71
C LEU C 540 -7.37 -14.74 4.54
N ARG C 541 -8.65 -14.69 4.84
CA ARG C 541 -9.21 -13.54 5.55
C ARG C 541 -8.92 -13.56 7.05
N LEU C 542 -8.38 -14.67 7.53
CA LEU C 542 -8.16 -14.86 8.97
C LEU C 542 -6.89 -14.18 9.49
N GLY C 543 -5.85 -14.11 8.68
CA GLY C 543 -4.58 -13.56 9.14
C GLY C 543 -4.09 -14.42 10.28
N LYS C 544 -3.70 -13.78 11.38
CA LYS C 544 -3.22 -14.51 12.57
C LYS C 544 -4.30 -14.61 13.68
N SER C 545 -5.55 -14.36 13.29
CA SER C 545 -6.64 -14.29 14.27
C SER C 545 -6.88 -15.72 14.76
N GLU C 546 -6.47 -16.70 13.98
CA GLU C 546 -6.66 -18.09 14.34
C GLU C 546 -5.37 -18.89 14.16
N PRO C 547 -5.18 -19.98 14.89
CA PRO C 547 -4.06 -20.91 14.80
C PRO C 547 -3.86 -21.38 13.38
N TRP C 548 -2.60 -21.46 12.95
CA TRP C 548 -2.28 -21.93 11.61
C TRP C 548 -2.75 -23.36 11.41
N THR C 549 -2.92 -24.07 12.52
CA THR C 549 -3.39 -25.45 12.50
C THR C 549 -4.84 -25.50 12.05
N LEU C 550 -5.61 -24.48 12.42
CA LEU C 550 -7.01 -24.40 12.04
C LEU C 550 -7.14 -23.84 10.63
N ALA C 551 -6.30 -22.86 10.32
CA ALA C 551 -6.32 -22.26 8.98
C ALA C 551 -6.03 -23.34 7.94
N LEU C 552 -5.17 -24.28 8.29
CA LEU C 552 -4.83 -25.40 7.41
C LEU C 552 -5.99 -26.39 7.31
N GLU C 553 -6.63 -26.70 8.45
CA GLU C 553 -7.77 -27.62 8.46
C GLU C 553 -8.90 -27.13 7.56
N ASN C 554 -9.09 -25.82 7.50
CA ASN C 554 -10.17 -25.23 6.72
C ASN C 554 -10.07 -25.49 5.21
N VAL C 555 -8.87 -25.80 4.72
CA VAL C 555 -8.69 -26.04 3.28
C VAL C 555 -8.20 -27.45 2.99
N VAL C 556 -7.15 -27.86 3.67
CA VAL C 556 -6.52 -29.13 3.40
C VAL C 556 -7.19 -30.24 4.17
N GLY C 557 -7.52 -29.96 5.42
CA GLY C 557 -8.15 -30.93 6.31
C GLY C 557 -7.14 -31.50 7.27
N ALA C 558 -5.87 -31.28 6.96
CA ALA C 558 -4.78 -31.71 7.81
C ALA C 558 -4.56 -30.70 8.92
N LYS C 559 -3.99 -31.15 10.03
CA LYS C 559 -3.59 -30.25 11.09
C LYS C 559 -2.07 -30.20 11.19
N ASN C 560 -1.41 -30.84 10.23
CA ASN C 560 0.05 -30.92 10.23
C ASN C 560 0.61 -31.08 8.82
N MET C 561 1.93 -31.17 8.73
CA MET C 561 2.65 -31.23 7.46
C MET C 561 2.64 -32.62 6.82
N ASN C 562 1.49 -33.03 6.32
CA ASN C 562 1.38 -34.28 5.56
C ASN C 562 2.06 -34.08 4.20
N VAL C 563 2.97 -34.99 3.85
CA VAL C 563 3.77 -34.81 2.63
C VAL C 563 3.28 -35.64 1.45
N ARG C 564 2.14 -36.31 1.62
CA ARG C 564 1.63 -37.13 0.53
C ARG C 564 1.40 -36.33 -0.76
N PRO C 565 0.80 -35.12 -0.72
CA PRO C 565 0.57 -34.25 -1.86
C PRO C 565 1.83 -33.98 -2.67
N LEU C 566 2.96 -33.85 -1.99
CA LEU C 566 4.23 -33.61 -2.67
C LEU C 566 4.63 -34.85 -3.46
N LEU C 567 4.50 -35.99 -2.80
CA LEU C 567 4.89 -37.26 -3.40
C LEU C 567 3.97 -37.60 -4.57
N ASN C 568 2.72 -37.19 -4.49
CA ASN C 568 1.77 -37.42 -5.59
C ASN C 568 2.14 -36.58 -6.80
N TYR C 569 2.50 -35.32 -6.57
CA TYR C 569 2.86 -34.41 -7.65
C TYR C 569 3.97 -34.98 -8.51
N PHE C 570 4.99 -35.54 -7.86
CA PHE C 570 6.15 -36.05 -8.56
C PHE C 570 6.08 -37.56 -8.78
N GLU C 571 4.94 -38.17 -8.52
CA GLU C 571 4.81 -39.62 -8.67
C GLU C 571 5.18 -40.11 -10.07
N PRO C 572 4.74 -39.46 -11.15
CA PRO C 572 5.01 -39.82 -12.54
C PRO C 572 6.49 -39.70 -12.87
N LEU C 573 7.23 -38.94 -12.07
CA LEU C 573 8.66 -38.78 -12.27
C LEU C 573 9.40 -39.83 -11.46
N PHE C 574 8.87 -40.13 -10.27
CA PHE C 574 9.48 -41.09 -9.38
C PHE C 574 9.52 -42.46 -10.02
N THR C 575 8.40 -42.90 -10.60
CA THR C 575 8.36 -44.19 -11.26
C THR C 575 9.28 -44.22 -12.47
N TRP C 576 9.35 -43.10 -13.18
CA TRP C 576 10.25 -43.00 -14.33
C TRP C 576 11.69 -43.14 -13.88
N LEU C 577 12.07 -42.44 -12.81
CA LEU C 577 13.42 -42.48 -12.29
C LEU C 577 13.78 -43.90 -11.87
N LYS C 578 12.85 -44.61 -11.24
CA LYS C 578 13.11 -45.98 -10.81
C LYS C 578 13.53 -46.85 -11.99
N ASP C 579 12.93 -46.62 -13.16
CA ASP C 579 13.25 -47.40 -14.34
C ASP C 579 14.48 -46.88 -15.09
N GLN C 580 15.08 -45.81 -14.56
CA GLN C 580 16.32 -45.26 -15.11
C GLN C 580 17.48 -45.66 -14.23
N ASN C 581 17.20 -45.87 -12.94
CA ASN C 581 18.22 -46.23 -11.98
C ASN C 581 18.32 -47.73 -11.81
N LYS C 582 17.61 -48.46 -12.65
CA LYS C 582 17.56 -49.92 -12.58
C LYS C 582 18.93 -50.56 -12.78
N ASN C 583 19.84 -49.83 -13.41
CA ASN C 583 21.18 -50.35 -13.66
C ASN C 583 22.27 -49.49 -13.03
N SER C 584 21.92 -48.79 -11.94
CA SER C 584 22.90 -47.97 -11.23
C SER C 584 22.67 -48.00 -9.72
N PHE C 585 23.60 -47.41 -8.98
CA PHE C 585 23.55 -47.41 -7.52
C PHE C 585 22.69 -46.26 -7.00
N VAL C 586 21.82 -46.57 -6.03
CA VAL C 586 21.02 -45.55 -5.39
C VAL C 586 21.43 -45.39 -3.93
N GLY C 587 21.83 -44.18 -3.57
CA GLY C 587 22.39 -43.91 -2.25
C GLY C 587 23.84 -43.50 -2.41
N TRP C 588 24.55 -43.34 -1.29
CA TRP C 588 25.93 -42.90 -1.34
C TRP C 588 26.74 -43.36 -0.14
N SER C 589 28.05 -43.47 -0.33
CA SER C 589 28.96 -43.76 0.76
C SER C 589 29.57 -42.50 1.34
N THR C 590 29.42 -42.33 2.64
CA THR C 590 29.92 -41.14 3.33
C THR C 590 31.43 -41.21 3.56
N ASP C 591 32.03 -42.34 3.21
CA ASP C 591 33.45 -42.53 3.43
C ASP C 591 34.26 -42.05 2.22
N TRP C 592 33.57 -41.70 1.14
CA TRP C 592 34.27 -41.26 -0.07
C TRP C 592 34.65 -39.79 0.03
N SER C 593 35.85 -39.47 -0.46
CA SER C 593 36.31 -38.09 -0.45
C SER C 593 37.07 -37.74 -1.72
N PRO C 594 36.88 -36.52 -2.24
CA PRO C 594 37.66 -35.89 -3.29
C PRO C 594 39.17 -35.81 -2.96
N LEU D 26 -37.27 29.60 -2.51
CA LEU D 26 -36.39 28.44 -2.65
C LEU D 26 -35.49 28.29 -1.42
N CYS D 27 -35.13 27.04 -1.13
CA CYS D 27 -34.29 26.70 0.02
C CYS D 27 -32.82 26.76 -0.33
N PRO D 28 -31.96 27.10 0.62
CA PRO D 28 -30.51 27.12 0.52
C PRO D 28 -29.94 25.71 0.62
N PHE D 29 -30.35 24.85 -0.30
CA PHE D 29 -29.85 23.48 -0.33
C PHE D 29 -28.45 23.47 -0.90
N HIS D 30 -28.20 24.34 -1.87
CA HIS D 30 -26.90 24.35 -2.52
C HIS D 30 -25.83 24.86 -1.58
N GLU D 31 -26.26 25.58 -0.55
CA GLU D 31 -25.34 26.12 0.44
C GLU D 31 -24.93 25.05 1.43
N VAL D 32 -25.59 23.90 1.37
CA VAL D 32 -25.26 22.78 2.24
C VAL D 32 -24.42 21.78 1.49
N PHE D 33 -24.80 21.51 0.25
CA PHE D 33 -24.11 20.50 -0.55
C PHE D 33 -22.80 20.93 -1.17
N ASN D 34 -22.71 22.21 -1.58
CA ASN D 34 -21.56 22.79 -2.32
C ASN D 34 -20.75 23.73 -1.51
N ALA D 35 -20.82 23.64 -0.16
CA ALA D 35 -20.02 24.47 0.73
C ALA D 35 -18.54 24.14 0.63
N THR D 36 -17.66 25.11 0.92
CA THR D 36 -16.24 24.85 0.85
C THR D 36 -15.76 23.88 1.92
N THR D 37 -16.31 24.02 3.12
CA THR D 37 -15.89 23.17 4.23
C THR D 37 -17.06 22.50 4.95
N PHE D 38 -16.84 21.24 5.34
CA PHE D 38 -17.75 20.49 6.18
C PHE D 38 -17.16 20.30 7.58
N ALA D 39 -18.04 20.13 8.56
CA ALA D 39 -17.63 19.92 9.94
C ALA D 39 -17.09 18.54 10.31
N SER D 40 -16.41 18.47 11.45
CA SER D 40 -15.98 17.18 11.99
C SER D 40 -17.12 16.28 12.45
N VAL D 41 -16.89 14.98 12.51
CA VAL D 41 -17.96 14.04 12.81
C VAL D 41 -18.26 14.16 14.30
N TYR D 42 -17.24 14.43 15.12
CA TYR D 42 -17.47 14.56 16.56
C TYR D 42 -18.27 15.81 16.88
N ALA D 43 -18.24 16.77 15.96
CA ALA D 43 -18.92 18.06 16.13
C ALA D 43 -19.66 18.42 14.85
N TRP D 44 -20.64 17.61 14.49
CA TRP D 44 -21.34 17.73 13.21
C TRP D 44 -22.19 18.99 13.15
N ASN D 45 -22.35 19.53 11.94
CA ASN D 45 -23.06 20.79 11.73
C ASN D 45 -24.54 20.57 11.38
N ARG D 46 -25.42 21.05 12.24
CA ARG D 46 -26.85 20.87 12.06
C ARG D 46 -27.51 22.12 11.51
N LYS D 47 -27.84 22.12 10.23
CA LYS D 47 -28.47 23.28 9.60
C LYS D 47 -29.96 23.04 9.42
N ARG D 48 -30.77 23.97 9.89
CA ARG D 48 -32.22 23.84 9.79
C ARG D 48 -32.75 24.56 8.55
N ILE D 49 -33.56 23.86 7.79
CA ILE D 49 -34.18 24.43 6.59
C ILE D 49 -35.67 24.68 6.85
N SER D 50 -36.10 25.92 6.63
CA SER D 50 -37.48 26.30 6.88
C SER D 50 -37.90 27.53 6.09
N ASN D 51 -39.21 27.79 6.04
CA ASN D 51 -39.77 28.97 5.39
C ASN D 51 -39.32 29.13 3.94
N CYS D 52 -39.36 28.03 3.17
CA CYS D 52 -38.94 28.01 1.77
C CYS D 52 -39.63 26.90 0.98
N VAL D 53 -39.47 26.94 -0.34
CA VAL D 53 -40.16 26.03 -1.26
C VAL D 53 -39.77 24.56 -1.09
N ALA D 54 -38.48 24.33 -0.91
CA ALA D 54 -37.92 22.98 -0.77
C ALA D 54 -38.01 22.20 -2.07
N ASP D 55 -37.25 22.64 -3.05
CA ASP D 55 -37.14 21.96 -4.34
C ASP D 55 -36.05 20.88 -4.26
N TYR D 56 -36.46 19.62 -4.32
CA TYR D 56 -35.56 18.49 -4.11
C TYR D 56 -35.11 17.83 -5.41
N SER D 57 -35.31 18.51 -6.54
CA SER D 57 -34.98 17.94 -7.84
C SER D 57 -33.47 17.71 -8.06
N VAL D 58 -32.62 18.33 -7.22
CA VAL D 58 -31.16 18.18 -7.32
C VAL D 58 -30.51 18.45 -5.97
N PHE D 65 -22.72 10.01 -7.15
CA PHE D 65 -22.69 9.84 -5.70
C PHE D 65 -22.18 8.45 -5.32
N PHE D 66 -21.61 8.35 -4.12
CA PHE D 66 -21.10 7.09 -3.57
C PHE D 66 -22.24 6.22 -3.07
N ALA D 67 -23.17 6.85 -2.36
CA ALA D 67 -24.30 6.14 -1.81
C ALA D 67 -25.50 7.07 -1.68
N PHE D 68 -26.69 6.51 -1.82
CA PHE D 68 -27.92 7.26 -1.59
C PHE D 68 -29.06 6.34 -1.22
N LYS D 69 -29.59 6.52 -0.02
CA LYS D 69 -30.69 5.69 0.46
C LYS D 69 -31.72 6.51 1.21
N CYS D 70 -32.99 6.18 1.05
CA CYS D 70 -34.12 6.82 1.74
C CYS D 70 -34.96 5.80 2.46
N THR D 84 -42.77 20.37 10.79
CA THR D 84 -42.45 20.04 9.39
C THR D 84 -41.10 20.63 8.97
N ASN D 85 -40.12 20.57 9.86
CA ASN D 85 -38.76 21.08 9.62
C ASN D 85 -37.89 20.02 8.97
N VAL D 86 -36.90 20.46 8.21
CA VAL D 86 -35.92 19.55 7.64
C VAL D 86 -34.53 19.93 8.12
N TYR D 87 -33.81 18.96 8.66
CA TYR D 87 -32.48 19.23 9.17
C TYR D 87 -31.41 18.54 8.34
N ALA D 88 -30.40 19.30 7.94
CA ALA D 88 -29.31 18.75 7.15
C ALA D 88 -28.04 18.65 8.00
N ASP D 89 -27.68 17.42 8.34
CA ASP D 89 -26.52 17.20 9.19
C ASP D 89 -25.28 16.94 8.33
N SER D 90 -24.36 17.89 8.34
CA SER D 90 -23.20 17.87 7.46
C SER D 90 -21.91 17.53 8.19
N PHE D 91 -21.26 16.46 7.75
CA PHE D 91 -20.01 16.03 8.36
C PHE D 91 -19.14 15.17 7.44
N VAL D 92 -17.86 15.04 7.77
CA VAL D 92 -16.93 14.21 7.01
C VAL D 92 -16.49 12.97 7.77
N ILE D 93 -16.62 11.82 7.12
CA ILE D 93 -16.22 10.54 7.70
C ILE D 93 -15.40 9.71 6.71
N ARG D 94 -14.85 8.61 7.20
CA ARG D 94 -14.10 7.70 6.36
C ARG D 94 -15.05 6.85 5.51
N GLY D 95 -14.61 6.47 4.32
CA GLY D 95 -15.43 5.69 3.39
C GLY D 95 -16.07 4.44 4.00
N ASN D 96 -15.28 3.62 4.68
CA ASN D 96 -15.80 2.37 5.22
C ASN D 96 -16.65 2.58 6.47
N GLU D 97 -16.83 3.84 6.88
CA GLU D 97 -17.68 4.17 8.01
C GLU D 97 -19.03 4.70 7.54
N VAL D 98 -19.19 4.83 6.24
CA VAL D 98 -20.44 5.35 5.67
C VAL D 98 -21.61 4.43 6.00
N SER D 99 -21.35 3.13 6.04
CA SER D 99 -22.38 2.14 6.33
C SER D 99 -22.95 2.29 7.73
N GLN D 100 -22.27 3.03 8.61
CA GLN D 100 -22.75 3.22 9.97
C GLN D 100 -23.79 4.33 10.08
N ILE D 101 -23.96 5.09 8.99
CA ILE D 101 -24.95 6.17 9.01
C ILE D 101 -26.29 5.61 8.57
N ALA D 102 -26.88 4.82 9.45
CA ALA D 102 -28.10 4.09 9.14
C ALA D 102 -28.73 3.56 10.43
N PRO D 103 -30.04 3.38 10.44
CA PRO D 103 -30.81 2.84 11.55
C PRO D 103 -30.41 1.40 11.81
N GLY D 104 -30.30 1.03 13.08
CA GLY D 104 -29.99 -0.33 13.46
C GLY D 104 -28.49 -0.64 13.43
N GLN D 105 -27.67 0.34 13.04
CA GLN D 105 -26.24 0.10 12.95
C GLN D 105 -25.50 0.53 14.21
N THR D 106 -24.33 -0.09 14.41
CA THR D 106 -23.45 0.22 15.53
C THR D 106 -22.02 0.43 15.05
N GLY D 107 -21.16 0.93 15.93
CA GLY D 107 -19.75 1.13 15.57
C GLY D 107 -19.22 2.45 16.14
N ASN D 108 -17.98 2.77 15.84
CA ASN D 108 -17.35 3.95 16.42
C ASN D 108 -18.10 5.23 16.10
N ILE D 109 -18.68 5.32 14.91
CA ILE D 109 -19.39 6.54 14.55
C ILE D 109 -20.80 6.50 15.08
N ALA D 110 -21.47 5.38 14.85
CA ALA D 110 -22.85 5.23 15.28
C ALA D 110 -23.00 5.36 16.80
N ASP D 111 -22.02 4.88 17.56
CA ASP D 111 -22.11 4.89 19.01
C ASP D 111 -21.49 6.09 19.72
N TYR D 112 -20.37 6.63 19.20
CA TYR D 112 -19.66 7.66 19.94
C TYR D 112 -19.61 9.02 19.27
N ASN D 113 -20.13 9.14 18.05
CA ASN D 113 -20.04 10.41 17.34
C ASN D 113 -21.40 10.89 16.86
N TYR D 114 -21.98 10.18 15.90
CA TYR D 114 -23.25 10.57 15.32
C TYR D 114 -24.25 9.42 15.37
N LYS D 115 -25.14 9.46 16.35
CA LYS D 115 -26.12 8.40 16.48
C LYS D 115 -27.40 8.74 15.73
N LEU D 116 -27.73 7.88 14.77
CA LEU D 116 -28.94 8.02 13.98
C LEU D 116 -29.94 6.97 14.48
N PRO D 117 -31.15 7.39 14.87
CA PRO D 117 -32.18 6.59 15.51
C PRO D 117 -32.69 5.49 14.60
N ASP D 118 -33.11 4.38 15.19
CA ASP D 118 -33.63 3.27 14.40
C ASP D 118 -34.93 3.66 13.71
N ASP D 119 -35.74 4.47 14.40
CA ASP D 119 -36.97 4.98 13.82
C ASP D 119 -36.66 6.25 13.04
N PHE D 120 -35.99 6.10 11.90
CA PHE D 120 -35.50 7.24 11.14
C PHE D 120 -36.24 7.43 9.83
N THR D 121 -36.64 8.67 9.59
CA THR D 121 -37.23 9.06 8.32
C THR D 121 -36.37 10.12 7.66
N GLY D 122 -35.91 9.84 6.46
CA GLY D 122 -35.04 10.76 5.75
C GLY D 122 -34.09 10.03 4.82
N CYS D 123 -33.20 10.80 4.19
CA CYS D 123 -32.27 10.28 3.19
C CYS D 123 -30.82 10.55 3.57
N VAL D 124 -29.95 9.59 3.28
CA VAL D 124 -28.53 9.76 3.53
C VAL D 124 -27.76 9.86 2.22
N ILE D 125 -27.10 11.00 2.03
CA ILE D 125 -26.38 11.29 0.79
C ILE D 125 -24.88 11.32 1.04
N ALA D 126 -24.12 10.54 0.27
CA ALA D 126 -22.67 10.52 0.44
C ALA D 126 -21.95 10.58 -0.89
N TRP D 127 -20.83 11.29 -0.93
CA TRP D 127 -20.00 11.32 -2.13
C TRP D 127 -18.53 11.45 -1.77
N ASN D 128 -17.68 10.95 -2.68
CA ASN D 128 -16.24 11.01 -2.49
C ASN D 128 -15.73 12.43 -2.62
N SER D 129 -14.90 12.85 -1.67
CA SER D 129 -14.33 14.18 -1.68
C SER D 129 -12.82 14.10 -1.54
N ASN D 130 -12.22 13.09 -2.14
CA ASN D 130 -10.77 12.87 -2.07
C ASN D 130 -9.99 14.01 -2.69
N LYS D 131 -10.59 14.70 -3.66
CA LYS D 131 -9.93 15.79 -4.34
C LYS D 131 -9.98 17.09 -3.54
N LEU D 132 -10.84 17.12 -2.52
CA LEU D 132 -11.08 18.36 -1.79
C LEU D 132 -10.49 18.33 -0.39
N ASP D 133 -10.66 17.20 0.30
CA ASP D 133 -10.35 17.09 1.71
C ASP D 133 -9.11 16.28 2.00
N SER D 134 -8.26 16.07 1.01
CA SER D 134 -7.03 15.30 1.23
C SER D 134 -5.80 16.12 0.92
N LYS D 135 -4.73 15.88 1.68
CA LYS D 135 -3.45 16.55 1.43
C LYS D 135 -2.33 15.51 1.51
N PRO D 136 -1.28 15.64 0.69
CA PRO D 136 -0.07 14.82 0.70
C PRO D 136 0.58 14.70 2.08
N SER D 137 0.51 15.75 2.88
CA SER D 137 1.13 15.77 4.20
C SER D 137 0.22 15.24 5.30
N GLY D 138 -1.04 15.01 4.95
CA GLY D 138 -2.05 14.55 5.90
C GLY D 138 -2.94 15.69 6.34
N ASN D 139 -4.21 15.62 5.98
CA ASN D 139 -5.14 16.69 6.33
C ASN D 139 -5.72 16.46 7.72
N TYR D 140 -4.89 16.66 8.74
CA TYR D 140 -5.30 16.35 10.11
C TYR D 140 -6.02 17.43 10.92
N ASN D 141 -7.22 17.77 10.44
CA ASN D 141 -8.09 18.76 11.15
C ASN D 141 -9.48 18.13 11.24
N TYR D 142 -9.58 16.85 10.85
CA TYR D 142 -10.87 16.12 10.97
C TYR D 142 -10.75 15.16 12.15
N LEU D 143 -11.57 15.34 13.19
CA LEU D 143 -11.38 14.54 14.43
C LEU D 143 -12.63 13.73 14.80
N TYR D 144 -12.44 12.61 15.49
CA TYR D 144 -13.59 11.79 15.98
C TYR D 144 -13.23 11.22 17.36
N ARG D 145 -14.22 10.97 18.21
CA ARG D 145 -14.00 10.44 19.58
C ARG D 145 -13.91 8.92 19.54
N LEU D 146 -12.71 8.37 19.60
CA LEU D 146 -12.52 6.90 19.56
C LEU D 146 -13.17 6.27 20.80
N PHE D 147 -13.07 6.92 21.98
CA PHE D 147 -13.59 6.29 23.23
C PHE D 147 -14.55 7.22 23.98
N ARG D 148 -15.54 6.65 24.67
CA ARG D 148 -16.50 7.44 25.47
C ARG D 148 -17.06 6.58 26.62
N LYS D 149 -17.40 7.18 27.75
CA LYS D 149 -17.93 6.52 28.95
C LYS D 149 -19.26 5.79 28.69
N SER D 150 -20.05 6.32 27.77
CA SER D 150 -21.33 5.72 27.43
C SER D 150 -21.63 6.05 25.96
N LYS D 151 -22.48 5.26 25.34
CA LYS D 151 -22.85 5.50 23.94
C LYS D 151 -23.91 6.58 23.85
N LEU D 152 -23.96 7.27 22.72
CA LEU D 152 -24.88 8.38 22.53
C LEU D 152 -26.34 8.05 22.28
N LYS D 153 -27.20 8.97 22.68
CA LYS D 153 -28.62 8.94 22.32
C LYS D 153 -28.74 9.55 20.91
N PRO D 154 -29.86 9.32 20.22
CA PRO D 154 -30.14 9.86 18.91
C PRO D 154 -29.92 11.37 18.87
N PHE D 155 -29.12 11.81 17.89
CA PHE D 155 -28.81 13.20 17.65
C PHE D 155 -28.13 13.90 18.84
N GLU D 156 -27.60 13.12 19.77
CA GLU D 156 -26.83 13.70 20.87
C GLU D 156 -25.45 14.09 20.39
N ARG D 157 -24.96 15.24 20.85
CA ARG D 157 -23.64 15.70 20.48
C ARG D 157 -22.84 16.11 21.71
N ASP D 158 -21.59 15.67 21.77
CA ASP D 158 -20.70 15.98 22.88
C ASP D 158 -19.33 16.36 22.38
N ILE D 159 -18.96 17.60 22.62
CA ILE D 159 -17.71 18.15 22.09
C ILE D 159 -16.71 18.47 23.19
N SER D 160 -16.90 17.86 24.36
CA SER D 160 -15.96 18.03 25.47
C SER D 160 -14.67 17.26 25.19
N THR D 161 -13.59 17.66 25.88
CA THR D 161 -12.30 17.03 25.70
C THR D 161 -11.75 16.44 27.00
N GLU D 162 -12.64 16.16 27.94
CA GLU D 162 -12.23 15.60 29.23
C GLU D 162 -11.43 14.32 29.04
N ILE D 163 -10.30 14.22 29.73
CA ILE D 163 -9.43 13.05 29.59
C ILE D 163 -10.19 11.79 29.97
N TYR D 164 -10.04 10.75 29.15
CA TYR D 164 -10.72 9.48 29.39
C TYR D 164 -9.86 8.59 30.28
N GLN D 165 -10.43 8.17 31.40
CA GLN D 165 -9.71 7.32 32.34
C GLN D 165 -10.09 5.86 32.13
N ALA D 166 -9.14 5.07 31.63
CA ALA D 166 -9.39 3.66 31.34
C ALA D 166 -9.16 2.83 32.59
N GLY D 167 -8.24 3.28 33.43
CA GLY D 167 -7.86 2.54 34.63
C GLY D 167 -8.67 2.99 35.84
N ASN D 168 -8.19 2.61 37.03
CA ASN D 168 -8.90 2.92 38.27
C ASN D 168 -8.25 4.05 39.03
N LYS D 169 -6.98 4.33 38.73
CA LYS D 169 -6.25 5.40 39.39
C LYS D 169 -6.36 6.68 38.58
N PRO D 170 -6.54 7.83 39.23
CA PRO D 170 -6.66 9.15 38.65
C PRO D 170 -5.35 9.61 38.07
N CYS D 171 -5.39 10.36 36.96
CA CYS D 171 -4.26 10.96 36.30
C CYS D 171 -4.29 12.47 36.38
N ASN D 172 -5.36 13.00 36.96
CA ASN D 172 -5.52 14.44 37.16
C ASN D 172 -5.42 15.24 35.85
N GLY D 173 -5.97 14.68 34.77
CA GLY D 173 -6.00 15.39 33.50
C GLY D 173 -4.79 15.10 32.61
N VAL D 174 -3.78 14.43 33.17
CA VAL D 174 -2.58 14.13 32.42
C VAL D 174 -2.73 12.85 31.62
N ALA D 175 -2.41 12.90 30.33
CA ALA D 175 -2.55 11.72 29.48
C ALA D 175 -1.39 10.76 29.68
N GLY D 176 -1.35 10.16 30.87
CA GLY D 176 -0.31 9.22 31.23
C GLY D 176 -0.84 7.79 31.17
N SER D 177 -0.31 6.93 32.01
CA SER D 177 -0.73 5.53 31.98
C SER D 177 -2.22 5.40 32.26
N ASN D 178 -2.90 4.65 31.40
CA ASN D 178 -4.34 4.40 31.53
C ASN D 178 -5.24 5.64 31.40
N CYS D 179 -4.70 6.73 30.82
CA CYS D 179 -5.49 7.92 30.48
C CYS D 179 -5.21 8.34 29.05
N TYR D 180 -6.30 8.59 28.30
CA TYR D 180 -6.16 8.90 26.86
C TYR D 180 -7.08 10.05 26.48
N SER D 181 -6.68 10.85 25.49
CA SER D 181 -7.51 11.98 25.01
C SER D 181 -8.68 11.42 24.19
N PRO D 182 -9.89 12.01 24.24
CA PRO D 182 -11.03 11.42 23.57
C PRO D 182 -11.37 11.96 22.17
N LEU D 183 -10.40 12.39 21.36
CA LEU D 183 -10.67 12.86 19.97
C LEU D 183 -9.43 12.68 19.10
N GLN D 184 -9.27 11.54 18.42
CA GLN D 184 -8.12 11.33 17.50
C GLN D 184 -8.41 12.00 16.14
N SER D 185 -7.43 12.02 15.22
CA SER D 185 -7.60 12.76 13.94
C SER D 185 -7.41 11.85 12.73
N TYR D 186 -8.27 11.97 11.72
CA TYR D 186 -8.09 11.19 10.46
C TYR D 186 -6.99 11.85 9.64
N GLY D 187 -5.97 11.10 9.22
CA GLY D 187 -4.87 11.66 8.43
C GLY D 187 -5.13 11.47 6.95
N PHE D 188 -6.14 12.15 6.41
CA PHE D 188 -6.55 11.91 5.03
C PHE D 188 -5.47 12.27 4.02
N ARG D 189 -5.23 11.34 3.09
CA ARG D 189 -4.26 11.51 2.02
C ARG D 189 -4.86 11.03 0.71
N PRO D 190 -4.49 11.65 -0.41
CA PRO D 190 -5.03 11.44 -1.74
C PRO D 190 -4.74 10.05 -2.31
N THR D 191 -3.79 9.34 -1.71
CA THR D 191 -3.38 8.05 -2.21
C THR D 191 -3.96 6.88 -1.43
N TYR D 192 -4.84 7.16 -0.48
CA TYR D 192 -5.47 6.09 0.31
C TYR D 192 -6.44 5.29 -0.55
N GLY D 193 -6.73 4.06 -0.11
CA GLY D 193 -7.66 3.22 -0.83
C GLY D 193 -9.06 3.76 -0.67
N VAL D 194 -10.01 3.24 -1.44
CA VAL D 194 -11.34 3.81 -1.48
C VAL D 194 -11.99 3.85 -0.10
N GLY D 195 -11.88 2.77 0.65
CA GLY D 195 -12.51 2.68 1.96
C GLY D 195 -11.89 3.63 2.98
N HIS D 196 -10.71 4.16 2.66
CA HIS D 196 -10.01 5.05 3.58
C HIS D 196 -9.96 6.50 3.09
N GLN D 197 -10.63 6.78 1.99
CA GLN D 197 -10.72 8.14 1.48
C GLN D 197 -11.86 8.85 2.20
N PRO D 198 -11.81 10.17 2.30
CA PRO D 198 -12.83 11.01 2.91
C PRO D 198 -14.08 11.06 2.07
N TYR D 199 -15.22 11.03 2.75
CA TYR D 199 -16.51 11.20 2.10
C TYR D 199 -17.31 12.26 2.80
N ARG D 200 -17.99 13.07 2.01
CA ARG D 200 -18.84 14.11 2.57
C ARG D 200 -20.26 13.59 2.68
N VAL D 201 -20.79 13.61 3.89
CA VAL D 201 -22.10 13.05 4.14
C VAL D 201 -23.09 14.10 4.58
N VAL D 202 -24.23 14.13 3.91
CA VAL D 202 -25.32 15.00 4.31
C VAL D 202 -26.56 14.17 4.62
N VAL D 203 -26.98 14.20 5.88
CA VAL D 203 -28.16 13.45 6.28
C VAL D 203 -29.35 14.37 6.36
N LEU D 204 -30.39 14.07 5.59
CA LEU D 204 -31.59 14.90 5.60
C LEU D 204 -32.65 14.25 6.46
N SER D 205 -32.83 14.80 7.65
CA SER D 205 -33.80 14.28 8.61
C SER D 205 -35.09 15.06 8.55
N PHE D 206 -36.19 14.36 8.37
CA PHE D 206 -37.48 15.01 8.21
C PHE D 206 -38.33 14.89 9.46
#